data_5FEI
#
_entry.id   5FEI
#
_cell.length_a   184.671
_cell.length_b   184.671
_cell.length_c   184.671
_cell.angle_alpha   90.00
_cell.angle_beta   90.00
_cell.angle_gamma   90.00
#
_symmetry.space_group_name_H-M   'P 21 3'
#
loop_
_entity.id
_entity.type
_entity.pdbx_description
1 polymer 'Distal tube protein'
2 non-polymer DI(HYDROXYETHYL)ETHER
3 water water
#
_entity_poly.entity_id   1
_entity_poly.type   'polypeptide(L)'
_entity_poly.pdbx_seq_one_letter_code
;MAYVPLSGTNVRILADVPFSNDYKNTRWFTSSSNQYNWFNSKSRVYEMSKVTFMGFRENKPYVSVSLPIDKLYSASYIMF
QNADYGNKWFYAFVTELEFKNSAVTYVHFEIDVLQTWMFDIKFQESFIVREHVKLWNDDGTPTINTIDEGLSYGSEYDIV
SVENHKPYDDMMFLVIISKSIMHGTPGEEESRLNDINASLNGMPQPLCYYIHPFYKDGKVPKTYIGDNNANLSPIVNMLT
NIFSQKSAVNDIVNMYVTDYIGLKLDYKNGDKELKLDKDMFEQAGIADDKHGNVDTIFVKKIPDYEALEIDTGDKWGGFT
KDQESKLMMYPYCVTEITDFKGNHMNLKTEYINNSKLKIQVRGSLGVSNKVAYSVQDYNADSALSGGNRLTASLDSSLIN
NNPNDIAILNDYLSAYLQGNKNSLENQKSSILFNGIMGMIGGGISAGASAAGGSALGMASSVTGMTSTAGNAVLQMQAMQ
AKQADIANIPPQLTKMGGNTAFDYGNGYRGVYVIKKQLKAEYRRSLSSFFHKYGYKINRVKKPNLRTRKAFNYVQTKDCF
ISGDINNNDLQEIRTIFDNGITLWHTDNIGNYSVENELRHHHHHH
;
_entity_poly.pdbx_strand_id   A,B
#
loop_
_chem_comp.id
_chem_comp.type
_chem_comp.name
_chem_comp.formula
PEG non-polymer DI(HYDROXYETHYL)ETHER 'C4 H10 O3'
#
# COMPACT_ATOMS: atom_id res chain seq x y z
N VAL A 4 -47.13 15.88 -6.61
CA VAL A 4 -47.05 17.33 -6.37
C VAL A 4 -48.31 18.05 -6.87
N PRO A 5 -48.98 18.76 -5.97
CA PRO A 5 -50.34 19.29 -6.11
C PRO A 5 -50.54 20.37 -7.17
N LEU A 6 -51.78 20.55 -7.59
CA LEU A 6 -52.13 21.57 -8.58
C LEU A 6 -53.27 22.45 -8.04
N SER A 7 -53.39 22.47 -6.71
CA SER A 7 -54.25 23.44 -6.04
C SER A 7 -53.66 23.62 -4.65
N GLY A 8 -53.61 24.86 -4.16
CA GLY A 8 -52.89 25.12 -2.94
C GLY A 8 -53.67 25.90 -1.89
N THR A 9 -53.26 25.75 -0.64
CA THR A 9 -53.76 26.59 0.46
C THR A 9 -52.58 27.31 1.13
N ASN A 10 -52.91 28.33 1.92
CA ASN A 10 -51.93 29.07 2.72
C ASN A 10 -50.75 29.52 1.87
N VAL A 11 -51.05 29.85 0.62
CA VAL A 11 -50.00 30.21 -0.34
C VAL A 11 -49.30 31.49 0.02
N ARG A 12 -47.97 31.50 -0.08
CA ARG A 12 -47.19 32.69 0.22
C ARG A 12 -46.08 32.89 -0.79
N ILE A 13 -46.02 34.09 -1.34
CA ILE A 13 -44.94 34.43 -2.24
C ILE A 13 -43.89 35.20 -1.45
N LEU A 14 -42.65 34.70 -1.51
CA LEU A 14 -41.57 35.23 -0.69
C LEU A 14 -40.54 36.04 -1.49
N ALA A 15 -39.92 37.00 -0.82
CA ALA A 15 -38.76 37.71 -1.36
C ALA A 15 -37.46 37.19 -0.73
N ASP A 16 -36.33 37.51 -1.33
CA ASP A 16 -35.02 37.33 -0.70
C ASP A 16 -34.62 35.90 -0.37
N VAL A 17 -35.05 34.95 -1.18
CA VAL A 17 -34.54 33.59 -1.04
C VAL A 17 -33.33 33.49 -1.96
N PRO A 18 -32.14 33.29 -1.36
CA PRO A 18 -30.84 33.44 -2.01
C PRO A 18 -30.36 32.28 -2.91
N PHE A 19 -31.17 31.26 -3.18
CA PHE A 19 -30.69 30.19 -4.08
C PHE A 19 -31.73 29.97 -5.18
N SER A 20 -31.34 29.25 -6.24
CA SER A 20 -32.13 29.24 -7.47
C SER A 20 -32.21 27.86 -8.10
N ASN A 21 -32.94 27.74 -9.21
CA ASN A 21 -33.03 26.47 -9.92
C ASN A 21 -31.73 26.05 -10.67
N ASP A 22 -30.62 26.75 -10.41
CA ASP A 22 -29.30 26.26 -10.80
C ASP A 22 -28.90 25.14 -9.84
N TYR A 23 -29.45 25.17 -8.64
CA TYR A 23 -29.19 24.15 -7.63
C TYR A 23 -27.69 23.96 -7.33
N LYS A 24 -26.93 25.05 -7.28
CA LYS A 24 -25.53 24.96 -6.88
C LYS A 24 -25.41 25.15 -5.38
N ASN A 25 -26.43 25.78 -4.79
CA ASN A 25 -26.49 26.08 -3.35
C ASN A 25 -27.87 25.84 -2.78
N THR A 26 -27.93 25.47 -1.52
CA THR A 26 -29.20 25.45 -0.83
C THR A 26 -28.98 25.49 0.66
N ARG A 27 -30.02 25.83 1.40
CA ARG A 27 -29.94 25.84 2.85
C ARG A 27 -30.47 24.49 3.34
N TRP A 28 -29.57 23.71 3.93
CA TRP A 28 -29.94 22.39 4.44
C TRP A 28 -30.46 22.49 5.85
N PHE A 29 -31.45 21.68 6.20
CA PHE A 29 -32.04 21.77 7.53
C PHE A 29 -32.05 20.43 8.25
N THR A 30 -32.13 20.48 9.58
CA THR A 30 -32.18 19.25 10.38
C THR A 30 -33.60 18.74 10.61
N SER A 31 -34.60 19.60 10.41
CA SER A 31 -36.00 19.23 10.57
C SER A 31 -36.92 20.13 9.78
N SER A 32 -38.10 19.61 9.45
CA SER A 32 -39.10 20.38 8.71
C SER A 32 -39.59 21.59 9.51
N SER A 33 -39.65 21.42 10.83
CA SER A 33 -40.06 22.52 11.66
C SER A 33 -39.06 23.68 11.49
N ASN A 34 -37.77 23.36 11.56
CA ASN A 34 -36.74 24.37 11.34
C ASN A 34 -36.81 24.98 9.95
N GLN A 35 -37.09 24.13 8.97
CA GLN A 35 -37.23 24.56 7.59
C GLN A 35 -38.37 25.59 7.48
N TYR A 36 -39.52 25.27 8.06
CA TYR A 36 -40.66 26.18 8.03
C TYR A 36 -40.34 27.51 8.70
N ASN A 37 -39.70 27.45 9.87
CA ASN A 37 -39.37 28.67 10.59
C ASN A 37 -38.46 29.58 9.78
N TRP A 38 -37.49 28.98 9.12
CA TRP A 38 -36.58 29.75 8.28
C TRP A 38 -37.35 30.48 7.15
N PHE A 39 -38.21 29.77 6.42
CA PHE A 39 -38.97 30.40 5.37
C PHE A 39 -39.98 31.39 5.93
N ASN A 40 -40.45 31.13 7.14
CA ASN A 40 -41.46 32.01 7.72
C ASN A 40 -40.86 33.36 8.13
N SER A 41 -39.54 33.46 8.22
CA SER A 41 -38.97 34.76 8.56
C SER A 41 -38.71 35.61 7.31
N LYS A 42 -39.02 35.08 6.13
CA LYS A 42 -38.87 35.82 4.88
C LYS A 42 -40.04 36.78 4.65
N SER A 43 -39.78 37.89 3.94
CA SER A 43 -40.87 38.83 3.66
C SER A 43 -41.90 38.22 2.73
N ARG A 44 -43.16 38.35 3.12
CA ARG A 44 -44.27 37.89 2.32
C ARG A 44 -44.66 38.97 1.33
N VAL A 45 -44.37 38.73 0.05
CA VAL A 45 -44.71 39.67 -1.00
C VAL A 45 -46.21 39.61 -1.32
N TYR A 46 -46.80 38.43 -1.15
CA TYR A 46 -48.20 38.26 -1.42
C TYR A 46 -48.68 36.97 -0.77
N GLU A 47 -49.96 36.92 -0.40
CA GLU A 47 -50.55 35.77 0.27
C GLU A 47 -51.92 35.43 -0.31
N MET A 48 -52.25 34.14 -0.37
CA MET A 48 -53.59 33.71 -0.76
C MET A 48 -54.01 32.51 0.06
N SER A 49 -55.27 32.50 0.49
CA SER A 49 -55.78 31.42 1.34
C SER A 49 -56.02 30.15 0.53
N LYS A 50 -56.58 30.32 -0.66
CA LYS A 50 -56.92 29.21 -1.52
C LYS A 50 -56.74 29.64 -2.97
N VAL A 51 -55.98 28.86 -3.74
CA VAL A 51 -55.77 29.17 -5.16
C VAL A 51 -55.63 27.93 -6.05
N THR A 52 -55.87 28.11 -7.35
CA THR A 52 -55.72 27.03 -8.33
C THR A 52 -54.55 27.28 -9.27
N PHE A 53 -53.79 26.23 -9.58
CA PHE A 53 -52.62 26.34 -10.45
C PHE A 53 -52.91 25.89 -11.90
N MET A 54 -52.36 26.59 -12.90
CA MET A 54 -52.54 26.14 -14.28
C MET A 54 -51.24 25.81 -15.00
N GLY A 55 -51.38 25.24 -16.20
CA GLY A 55 -50.26 24.70 -16.97
C GLY A 55 -50.12 23.23 -16.62
N PHE A 56 -50.97 22.31 -17.09
CA PHE A 56 -51.63 22.26 -18.42
C PHE A 56 -50.59 21.70 -19.35
N ARG A 57 -49.74 22.57 -19.85
CA ARG A 57 -48.54 22.15 -20.56
C ARG A 57 -47.46 21.92 -19.53
N GLU A 58 -46.59 20.94 -19.75
CA GLU A 58 -45.49 20.72 -18.83
C GLU A 58 -44.61 21.97 -18.76
N ASN A 59 -43.95 22.15 -17.63
CA ASN A 59 -42.91 23.16 -17.48
C ASN A 59 -43.42 24.61 -17.51
N LYS A 60 -44.72 24.81 -17.70
CA LYS A 60 -45.26 26.16 -17.54
C LYS A 60 -46.29 26.30 -16.42
N PRO A 61 -45.99 25.74 -15.24
CA PRO A 61 -47.01 25.86 -14.18
C PRO A 61 -46.98 27.27 -13.62
N TYR A 62 -48.13 27.79 -13.21
CA TYR A 62 -48.13 29.14 -12.69
C TYR A 62 -49.36 29.44 -11.83
N VAL A 63 -49.32 30.58 -11.17
CA VAL A 63 -50.46 31.02 -10.39
C VAL A 63 -50.78 32.44 -10.82
N SER A 64 -52.06 32.73 -11.00
CA SER A 64 -52.47 34.08 -11.34
C SER A 64 -52.54 34.98 -10.11
N VAL A 65 -51.83 36.10 -10.18
CA VAL A 65 -51.84 37.08 -9.09
C VAL A 65 -52.35 38.41 -9.59
N SER A 66 -53.16 39.07 -8.77
CA SER A 66 -53.83 40.30 -9.18
C SER A 66 -53.01 41.58 -8.98
N LEU A 67 -51.69 41.47 -9.14
CA LEU A 67 -50.83 42.63 -9.04
C LEU A 67 -50.12 42.95 -10.36
N PRO A 68 -49.78 44.23 -10.57
CA PRO A 68 -48.95 44.66 -11.70
C PRO A 68 -47.56 44.06 -11.64
N ILE A 69 -47.06 43.62 -12.78
CA ILE A 69 -45.78 42.92 -12.88
C ILE A 69 -44.59 43.65 -12.22
N ASP A 70 -44.66 44.97 -12.11
CA ASP A 70 -43.60 45.71 -11.46
C ASP A 70 -43.58 45.45 -9.95
N LYS A 71 -44.76 45.17 -9.39
CA LYS A 71 -44.94 44.96 -7.95
C LYS A 71 -44.50 43.58 -7.46
N LEU A 72 -44.20 42.68 -8.40
CA LEU A 72 -43.84 41.31 -8.06
C LEU A 72 -42.41 41.00 -8.43
N TYR A 73 -41.61 42.04 -8.64
CA TYR A 73 -40.23 41.83 -9.05
C TYR A 73 -39.43 41.16 -7.94
N SER A 74 -39.77 41.46 -6.68
CA SER A 74 -39.04 40.94 -5.52
C SER A 74 -39.33 39.46 -5.28
N ALA A 75 -40.35 38.95 -5.96
CA ALA A 75 -40.79 37.59 -5.77
C ALA A 75 -39.69 36.64 -6.20
N SER A 76 -39.39 35.65 -5.37
CA SER A 76 -38.33 34.70 -5.71
C SER A 76 -38.74 33.27 -5.44
N TYR A 77 -39.77 33.09 -4.66
CA TYR A 77 -40.05 31.78 -4.12
C TYR A 77 -41.50 31.68 -3.73
N ILE A 78 -42.03 30.47 -3.73
CA ILE A 78 -43.40 30.20 -3.29
C ILE A 78 -43.43 29.03 -2.35
N MET A 79 -44.30 29.14 -1.36
CA MET A 79 -44.56 27.99 -0.50
C MET A 79 -46.06 27.87 -0.35
N PHE A 80 -46.54 26.64 -0.30
CA PHE A 80 -47.96 26.40 -0.14
C PHE A 80 -48.22 25.02 0.41
N GLN A 81 -49.42 24.87 0.94
CA GLN A 81 -49.89 23.59 1.45
C GLN A 81 -51.01 23.05 0.57
N ASN A 82 -51.27 21.75 0.71
CA ASN A 82 -52.45 21.19 0.08
C ASN A 82 -53.37 20.61 1.13
N ALA A 83 -54.64 21.03 1.11
CA ALA A 83 -55.62 20.59 2.11
C ALA A 83 -55.71 19.08 2.23
N ASP A 84 -55.39 18.36 1.15
CA ASP A 84 -55.61 16.92 1.14
C ASP A 84 -54.39 16.08 1.56
N TYR A 85 -53.22 16.69 1.73
CA TYR A 85 -52.05 15.95 2.24
C TYR A 85 -51.40 16.54 3.49
N GLY A 86 -52.27 17.01 4.37
CA GLY A 86 -51.90 17.46 5.70
C GLY A 86 -51.09 18.72 5.79
N ASN A 87 -50.22 18.78 6.80
CA ASN A 87 -49.45 19.96 7.12
C ASN A 87 -48.11 20.05 6.39
N LYS A 88 -48.00 19.34 5.26
CA LYS A 88 -46.79 19.37 4.45
C LYS A 88 -46.69 20.64 3.65
N TRP A 89 -45.48 21.19 3.60
CA TRP A 89 -45.22 22.41 2.85
C TRP A 89 -44.53 22.06 1.54
N PHE A 90 -44.98 22.68 0.45
CA PHE A 90 -44.33 22.53 -0.86
C PHE A 90 -43.61 23.82 -1.18
N TYR A 91 -42.38 23.70 -1.69
CA TYR A 91 -41.59 24.88 -1.94
C TYR A 91 -41.22 24.99 -3.40
N ALA A 92 -41.19 26.22 -3.92
CA ALA A 92 -40.96 26.38 -5.36
C ALA A 92 -40.29 27.70 -5.70
N PHE A 93 -39.41 27.67 -6.72
CA PHE A 93 -38.80 28.90 -7.23
C PHE A 93 -39.80 29.70 -8.04
N VAL A 94 -39.75 31.03 -7.91
CA VAL A 94 -40.41 31.86 -8.91
C VAL A 94 -39.44 32.02 -10.07
N THR A 95 -39.87 31.62 -11.25
CA THR A 95 -38.95 31.54 -12.38
C THR A 95 -39.11 32.67 -13.39
N GLU A 96 -40.34 33.12 -13.58
CA GLU A 96 -40.60 34.18 -14.52
C GLU A 96 -41.98 34.79 -14.25
N LEU A 97 -42.06 36.10 -14.40
CA LEU A 97 -43.32 36.82 -14.36
C LEU A 97 -43.83 37.06 -15.78
N GLU A 98 -45.06 36.63 -16.05
CA GLU A 98 -45.64 36.81 -17.38
C GLU A 98 -46.72 37.86 -17.28
N PHE A 99 -46.63 38.88 -18.13
CA PHE A 99 -47.63 39.91 -18.16
C PHE A 99 -48.82 39.37 -18.94
N LYS A 100 -49.97 39.27 -18.27
CA LYS A 100 -51.17 38.81 -18.93
C LYS A 100 -52.03 39.99 -19.30
N ASN A 101 -52.53 40.64 -18.27
CA ASN A 101 -53.29 41.86 -18.37
C ASN A 101 -52.53 42.82 -17.48
N SER A 102 -52.78 44.12 -17.56
CA SER A 102 -52.17 44.96 -16.54
C SER A 102 -53.01 44.68 -15.29
N ALA A 103 -52.43 44.84 -14.11
CA ALA A 103 -53.14 44.53 -12.87
C ALA A 103 -53.42 43.03 -12.69
N VAL A 104 -52.78 42.21 -13.51
CA VAL A 104 -52.81 40.76 -13.37
C VAL A 104 -51.55 40.16 -13.93
N THR A 105 -50.76 39.53 -13.07
CA THR A 105 -49.57 38.82 -13.54
C THR A 105 -49.70 37.31 -13.39
N TYR A 106 -49.11 36.58 -14.32
CA TYR A 106 -48.98 35.14 -14.19
C TYR A 106 -47.63 34.86 -13.56
N VAL A 107 -47.63 34.31 -12.36
CA VAL A 107 -46.38 33.99 -11.67
C VAL A 107 -45.97 32.55 -11.91
N HIS A 108 -44.93 32.37 -12.71
CA HIS A 108 -44.44 31.03 -13.02
C HIS A 108 -43.55 30.46 -11.95
N PHE A 109 -43.71 29.17 -11.68
CA PHE A 109 -42.91 28.56 -10.65
C PHE A 109 -42.51 27.14 -11.00
N GLU A 110 -41.43 26.72 -10.36
CA GLU A 110 -40.87 25.41 -10.54
C GLU A 110 -40.61 24.83 -9.15
N ILE A 111 -41.22 23.67 -8.88
CA ILE A 111 -41.02 23.01 -7.60
C ILE A 111 -39.54 22.86 -7.29
N ASP A 112 -39.14 23.40 -6.14
CA ASP A 112 -37.79 23.19 -5.63
C ASP A 112 -37.75 21.79 -5.05
N VAL A 113 -37.14 20.88 -5.77
CA VAL A 113 -37.18 19.49 -5.36
C VAL A 113 -36.37 19.23 -4.09
N LEU A 114 -35.27 19.95 -3.88
CA LEU A 114 -34.49 19.77 -2.64
C LEU A 114 -35.27 20.15 -1.42
N GLN A 115 -35.77 21.38 -1.40
CA GLN A 115 -36.49 21.88 -0.23
C GLN A 115 -37.76 21.06 0.00
N THR A 116 -38.46 20.77 -1.09
CA THR A 116 -39.74 20.08 -0.97
C THR A 116 -39.62 18.66 -0.44
N TRP A 117 -38.59 17.93 -0.87
CA TRP A 117 -38.46 16.53 -0.48
C TRP A 117 -37.30 16.27 0.47
N MET A 118 -36.81 17.34 1.09
CA MET A 118 -35.59 17.28 1.92
C MET A 118 -35.55 16.10 2.90
N PHE A 119 -36.67 15.77 3.54
CA PHE A 119 -36.66 14.76 4.60
C PHE A 119 -37.30 13.45 4.15
N ASP A 120 -37.48 13.29 2.86
CA ASP A 120 -38.11 12.10 2.31
C ASP A 120 -37.09 11.31 1.52
N ILE A 121 -35.88 11.83 1.43
CA ILE A 121 -34.89 11.21 0.59
C ILE A 121 -33.92 10.38 1.41
N LYS A 122 -33.62 9.20 0.91
CA LYS A 122 -32.68 8.32 1.55
C LYS A 122 -31.51 8.16 0.60
N PHE A 123 -30.36 8.63 1.05
CA PHE A 123 -29.14 8.50 0.27
C PHE A 123 -28.52 7.14 0.49
N GLN A 124 -28.22 6.42 -0.59
CA GLN A 124 -27.55 5.14 -0.46
C GLN A 124 -26.13 5.24 -1.00
N GLU A 125 -25.37 4.16 -0.90
CA GLU A 125 -23.95 4.24 -1.24
C GLU A 125 -23.73 4.70 -2.69
N SER A 126 -22.94 5.76 -2.83
CA SER A 126 -22.74 6.41 -4.11
C SER A 126 -21.27 6.70 -4.36
N PHE A 127 -20.91 6.82 -5.63
CA PHE A 127 -19.56 7.22 -5.94
C PHE A 127 -19.43 8.69 -5.58
N ILE A 128 -18.58 8.97 -4.61
CA ILE A 128 -18.30 10.34 -4.19
C ILE A 128 -17.10 10.89 -4.93
N VAL A 129 -17.33 11.91 -5.78
CA VAL A 129 -16.23 12.59 -6.45
C VAL A 129 -15.54 13.51 -5.45
N ARG A 130 -16.27 14.45 -4.83
CA ARG A 130 -15.68 15.32 -3.79
C ARG A 130 -16.62 15.43 -2.61
N GLU A 131 -16.05 15.61 -1.42
CA GLU A 131 -16.81 15.94 -0.23
C GLU A 131 -15.86 16.49 0.80
N HIS A 132 -16.41 17.09 1.87
CA HIS A 132 -15.62 17.63 2.98
C HIS A 132 -15.42 16.52 4.00
N VAL A 133 -14.17 16.26 4.38
CA VAL A 133 -13.91 15.13 5.30
C VAL A 133 -13.34 15.61 6.60
N LYS A 134 -13.25 14.70 7.57
CA LYS A 134 -12.60 14.97 8.85
C LYS A 134 -11.11 15.34 8.63
N LEU A 135 -10.67 16.45 9.21
CA LEU A 135 -9.32 16.96 8.93
C LEU A 135 -8.26 16.53 9.97
N TRP A 136 -8.62 16.53 11.24
CA TRP A 136 -7.67 16.28 12.32
C TRP A 136 -8.14 15.19 13.25
N ASN A 137 -7.25 14.26 13.54
CA ASN A 137 -7.47 13.31 14.60
C ASN A 137 -7.53 13.99 15.96
N ASP A 138 -8.08 13.28 16.94
CA ASP A 138 -8.23 13.79 18.28
C ASP A 138 -6.86 14.22 18.86
N ASP A 139 -5.81 13.47 18.53
CA ASP A 139 -4.49 13.74 19.08
C ASP A 139 -3.69 14.84 18.36
N GLY A 140 -4.33 15.55 17.43
CA GLY A 140 -3.64 16.61 16.72
C GLY A 140 -2.88 16.20 15.45
N THR A 141 -2.97 14.92 15.07
CA THR A 141 -2.32 14.47 13.85
C THR A 141 -3.26 14.60 12.68
N PRO A 142 -2.70 14.79 11.48
CA PRO A 142 -3.58 14.90 10.31
C PRO A 142 -4.19 13.55 9.94
N THR A 143 -5.37 13.58 9.35
CA THR A 143 -5.93 12.39 8.73
C THR A 143 -5.20 12.13 7.42
N ILE A 144 -5.31 10.90 6.93
CA ILE A 144 -4.61 10.55 5.72
C ILE A 144 -5.51 10.68 4.50
N ASN A 145 -5.25 11.68 3.68
CA ASN A 145 -5.98 11.84 2.43
C ASN A 145 -5.02 12.15 1.31
N THR A 146 -4.82 11.19 0.41
CA THR A 146 -3.73 11.32 -0.54
C THR A 146 -4.18 11.14 -1.96
N ILE A 147 -5.48 11.08 -2.19
CA ILE A 147 -6.00 10.96 -3.55
C ILE A 147 -5.44 12.09 -4.40
N ASP A 148 -4.86 11.72 -5.54
CA ASP A 148 -4.19 12.68 -6.40
C ASP A 148 -5.15 13.77 -6.89
N GLU A 149 -4.92 15.01 -6.43
CA GLU A 149 -5.79 16.14 -6.75
C GLU A 149 -5.51 16.70 -8.12
N GLY A 150 -4.36 16.36 -8.68
CA GLY A 150 -3.99 16.88 -9.99
C GLY A 150 -3.89 18.39 -10.09
N LEU A 151 -3.64 19.07 -8.97
CA LEU A 151 -3.42 20.52 -8.95
C LEU A 151 -1.95 20.82 -8.74
N SER A 152 -1.43 21.80 -9.47
CA SER A 152 -0.04 22.19 -9.34
C SER A 152 0.31 22.68 -7.91
N TYR A 153 1.43 22.19 -7.40
CA TYR A 153 1.94 22.64 -6.12
C TYR A 153 3.29 23.34 -6.31
N GLY A 154 3.54 23.82 -7.52
CA GLY A 154 4.77 24.56 -7.78
C GLY A 154 5.95 23.65 -8.08
N SER A 155 7.11 24.26 -8.31
CA SER A 155 8.28 23.51 -8.75
C SER A 155 9.37 23.35 -7.68
N GLU A 156 9.29 24.07 -6.56
CA GLU A 156 10.30 23.96 -5.49
C GLU A 156 9.67 23.89 -4.11
N TYR A 157 10.40 23.31 -3.15
CA TYR A 157 9.99 23.34 -1.75
C TYR A 157 10.74 24.40 -0.96
N ASP A 158 10.12 24.86 0.13
CA ASP A 158 10.82 25.59 1.19
C ASP A 158 11.48 24.59 2.12
N ILE A 159 12.73 24.84 2.48
CA ILE A 159 13.32 24.05 3.54
C ILE A 159 12.90 24.66 4.86
N VAL A 160 12.18 23.89 5.65
CA VAL A 160 11.53 24.53 6.77
C VAL A 160 12.12 24.01 8.10
N SER A 161 12.90 22.95 8.06
CA SER A 161 13.53 22.41 9.28
C SER A 161 14.77 21.58 8.97
N VAL A 162 15.83 21.80 9.73
CA VAL A 162 17.10 21.10 9.54
C VAL A 162 17.58 20.55 10.86
N GLU A 163 17.80 19.24 10.95
CA GLU A 163 18.38 18.68 12.18
C GLU A 163 19.45 17.63 11.84
N ASN A 164 20.42 17.50 12.74
CA ASN A 164 21.54 16.60 12.57
C ASN A 164 21.65 15.62 13.75
N HIS A 165 21.92 14.35 13.47
CA HIS A 165 22.12 13.38 14.56
C HIS A 165 23.30 12.47 14.27
N LYS A 166 24.21 12.38 15.24
CA LYS A 166 25.36 11.51 15.13
C LYS A 166 25.22 10.38 16.15
N PRO A 167 25.47 9.14 15.72
CA PRO A 167 25.37 7.93 16.55
C PRO A 167 26.03 8.10 17.91
N TYR A 168 27.29 8.52 17.92
CA TYR A 168 27.99 8.75 19.19
C TYR A 168 28.17 10.25 19.49
N ASP A 169 27.26 11.08 18.98
CA ASP A 169 27.39 12.53 19.21
C ASP A 169 28.75 13.09 18.78
N ASP A 170 29.52 13.65 19.70
CA ASP A 170 30.78 14.29 19.31
C ASP A 170 31.93 13.33 19.00
N MET A 171 31.79 12.05 19.37
CA MET A 171 32.89 11.10 19.21
C MET A 171 32.89 10.38 17.85
N MET A 172 34.07 10.27 17.25
CA MET A 172 34.26 9.53 16.02
C MET A 172 35.29 8.45 16.30
N PHE A 173 35.35 7.43 15.45
CA PHE A 173 36.36 6.41 15.62
C PHE A 173 37.35 6.38 14.47
N LEU A 174 38.61 6.28 14.83
CA LEU A 174 39.64 5.96 13.87
C LEU A 174 39.86 4.45 13.89
N VAL A 175 39.92 3.86 12.71
CA VAL A 175 40.13 2.44 12.54
C VAL A 175 41.41 2.17 11.74
N ILE A 176 42.25 1.31 12.31
CA ILE A 176 43.51 0.92 11.73
C ILE A 176 43.52 -0.58 11.58
N ILE A 177 43.84 -1.04 10.37
CA ILE A 177 43.83 -2.46 10.09
C ILE A 177 45.24 -2.94 9.76
N SER A 178 45.69 -4.01 10.40
CA SER A 178 47.00 -4.55 10.04
C SER A 178 46.98 -6.05 9.79
N LYS A 179 48.03 -6.51 9.11
CA LYS A 179 48.17 -7.91 8.77
C LYS A 179 48.43 -8.75 9.99
N SER A 180 49.00 -8.14 11.03
CA SER A 180 49.34 -8.88 12.23
C SER A 180 49.34 -8.03 13.47
N ILE A 181 49.57 -8.67 14.61
CA ILE A 181 49.53 -8.00 15.90
C ILE A 181 50.70 -7.04 16.12
N MET A 182 50.36 -5.83 16.54
CA MET A 182 51.33 -4.75 16.64
C MET A 182 51.60 -4.31 18.07
N HIS A 183 50.89 -4.91 19.03
CA HIS A 183 50.82 -4.34 20.36
C HIS A 183 51.20 -5.31 21.46
N GLY A 184 51.54 -4.76 22.62
CA GLY A 184 51.68 -5.53 23.85
C GLY A 184 50.50 -5.16 24.73
N THR A 185 50.16 -6.03 25.67
CA THR A 185 49.10 -5.69 26.60
C THR A 185 49.65 -5.87 28.01
N PRO A 186 49.15 -5.10 28.98
CA PRO A 186 49.56 -5.29 30.36
C PRO A 186 49.15 -6.68 30.85
N GLY A 187 50.10 -7.45 31.39
CA GLY A 187 49.77 -8.77 31.88
C GLY A 187 49.43 -9.75 30.77
N GLU A 188 50.32 -9.87 29.80
CA GLU A 188 50.18 -10.87 28.76
C GLU A 188 51.23 -11.95 28.96
N GLU A 189 50.80 -13.19 28.82
CA GLU A 189 51.62 -14.34 29.15
C GLU A 189 52.95 -14.30 28.38
N GLU A 190 52.89 -13.96 27.10
CA GLU A 190 54.11 -13.88 26.27
C GLU A 190 53.94 -12.88 25.11
N SER A 191 55.05 -12.46 24.51
CA SER A 191 55.00 -11.53 23.39
C SER A 191 54.29 -12.10 22.15
N ARG A 192 53.46 -11.28 21.52
CA ARG A 192 52.68 -11.69 20.36
C ARG A 192 52.97 -10.87 19.10
N LEU A 193 53.98 -10.02 19.14
CA LEU A 193 54.24 -9.10 18.02
C LEU A 193 54.46 -9.82 16.70
N ASN A 194 53.76 -9.35 15.67
CA ASN A 194 53.89 -9.88 14.31
C ASN A 194 53.21 -11.24 14.14
N ASP A 195 52.44 -11.67 15.15
CA ASP A 195 51.62 -12.89 15.05
C ASP A 195 50.36 -12.66 14.20
N ILE A 196 50.02 -13.67 13.41
CA ILE A 196 48.73 -13.68 12.75
C ILE A 196 47.63 -13.87 13.80
N ASN A 197 46.56 -13.10 13.68
CA ASN A 197 45.46 -13.24 14.62
C ASN A 197 44.11 -13.09 13.93
N ALA A 198 43.47 -14.22 13.68
CA ALA A 198 42.12 -14.23 13.14
C ALA A 198 41.11 -14.08 14.27
N SER A 199 39.96 -13.51 13.95
CA SER A 199 38.94 -13.27 14.96
C SER A 199 37.57 -13.13 14.34
N LEU A 200 36.54 -13.26 15.17
CA LEU A 200 35.18 -12.96 14.77
C LEU A 200 34.95 -11.46 14.77
N ASN A 201 34.74 -10.88 13.60
CA ASN A 201 34.42 -9.46 13.51
C ASN A 201 33.34 -9.28 12.44
N GLY A 202 32.10 -9.51 12.81
CA GLY A 202 31.02 -9.59 11.83
C GLY A 202 30.94 -11.01 11.30
N MET A 203 32.11 -11.54 10.94
CA MET A 203 32.30 -12.90 10.43
C MET A 203 33.73 -13.30 10.78
N PRO A 204 34.09 -14.58 10.60
CA PRO A 204 35.47 -15.02 10.80
C PRO A 204 36.38 -14.33 9.80
N GLN A 205 37.54 -13.89 10.26
CA GLN A 205 38.34 -13.01 9.45
C GLN A 205 39.79 -12.94 9.99
N PRO A 206 40.77 -12.73 9.11
CA PRO A 206 42.18 -12.90 9.48
C PRO A 206 42.99 -11.62 9.80
N LEU A 207 42.40 -10.43 9.68
CA LEU A 207 43.12 -9.19 9.95
C LEU A 207 43.04 -8.73 11.42
N CYS A 208 43.95 -7.84 11.82
CA CYS A 208 43.92 -7.25 13.16
C CYS A 208 43.33 -5.86 13.11
N TYR A 209 42.35 -5.61 13.97
CA TYR A 209 41.71 -4.30 14.04
C TYR A 209 42.07 -3.55 15.30
N TYR A 210 42.43 -2.29 15.10
CA TYR A 210 42.61 -1.34 16.19
C TYR A 210 41.65 -0.17 16.01
N ILE A 211 41.10 0.32 17.10
CA ILE A 211 40.24 1.50 17.01
C ILE A 211 40.67 2.54 18.02
N HIS A 212 40.28 3.77 17.78
CA HIS A 212 40.70 4.89 18.61
C HIS A 212 39.65 6.00 18.53
N PRO A 213 38.96 6.26 19.65
CA PRO A 213 37.91 7.29 19.63
C PRO A 213 38.54 8.69 19.69
N PHE A 214 37.92 9.69 19.07
CA PHE A 214 38.49 11.02 19.16
C PHE A 214 37.47 12.11 18.91
N TYR A 215 37.83 13.32 19.35
CA TYR A 215 37.01 14.52 19.15
C TYR A 215 37.70 15.44 18.14
N LYS A 216 36.96 16.36 17.55
CA LYS A 216 37.54 17.17 16.48
C LYS A 216 38.68 18.09 16.94
N ASP A 217 38.83 18.34 18.23
CA ASP A 217 39.96 19.14 18.69
C ASP A 217 41.19 18.25 18.96
N GLY A 218 41.07 16.95 18.71
CA GLY A 218 42.20 16.06 18.83
C GLY A 218 42.27 15.37 20.19
N LYS A 219 41.43 15.80 21.11
CA LYS A 219 41.35 15.13 22.40
C LYS A 219 40.61 13.80 22.27
N VAL A 220 40.68 12.98 23.32
CA VAL A 220 40.05 11.68 23.31
C VAL A 220 39.34 11.42 24.64
N PRO A 221 38.22 10.69 24.59
CA PRO A 221 37.49 10.45 25.83
C PRO A 221 38.28 9.57 26.78
N LYS A 222 38.16 9.82 28.08
CA LYS A 222 38.69 8.89 29.07
C LYS A 222 38.04 7.54 28.79
N THR A 223 38.85 6.54 28.46
CA THR A 223 38.30 5.24 28.10
C THR A 223 38.69 4.14 29.09
N TYR A 224 37.68 3.41 29.56
CA TYR A 224 37.87 2.25 30.41
C TYR A 224 37.63 0.97 29.64
N ILE A 225 38.44 -0.05 29.89
CA ILE A 225 38.21 -1.39 29.36
C ILE A 225 38.07 -2.33 30.54
N GLY A 226 36.84 -2.74 30.81
CA GLY A 226 36.56 -3.38 32.08
C GLY A 226 36.76 -2.31 33.14
N ASP A 227 37.39 -2.66 34.26
CA ASP A 227 37.59 -1.70 35.34
C ASP A 227 38.77 -0.75 35.12
N ASN A 228 39.51 -0.94 34.02
CA ASN A 228 40.79 -0.26 33.86
C ASN A 228 40.85 0.85 32.84
N ASN A 229 41.43 1.97 33.25
CA ASN A 229 41.69 3.09 32.35
C ASN A 229 42.69 2.64 31.29
N ALA A 230 42.33 2.81 30.02
CA ALA A 230 43.18 2.41 28.90
C ALA A 230 44.28 3.44 28.62
N ASN A 231 44.16 4.61 29.25
CA ASN A 231 45.16 5.67 29.09
C ASN A 231 45.42 6.03 27.63
N LEU A 232 44.34 6.20 26.87
CA LEU A 232 44.47 6.48 25.45
C LEU A 232 45.37 7.69 25.13
N SER A 233 46.25 7.52 24.16
CA SER A 233 47.03 8.63 23.63
C SER A 233 46.13 9.64 22.89
N PRO A 234 46.49 10.93 22.91
CA PRO A 234 45.74 11.81 21.99
C PRO A 234 46.00 11.43 20.53
N ILE A 235 44.97 11.56 19.68
CA ILE A 235 44.95 10.98 18.36
C ILE A 235 46.13 11.43 17.47
N VAL A 236 46.48 12.72 17.50
CA VAL A 236 47.57 13.20 16.66
C VAL A 236 48.91 12.56 17.06
N ASN A 237 49.23 12.56 18.37
CA ASN A 237 50.44 11.87 18.87
C ASN A 237 50.45 10.38 18.49
N MET A 238 49.29 9.77 18.62
CA MET A 238 49.16 8.36 18.30
C MET A 238 49.55 8.11 16.84
N LEU A 239 48.97 8.88 15.91
CA LEU A 239 49.30 8.75 14.49
C LEU A 239 50.78 8.96 14.21
N THR A 240 51.34 10.04 14.76
CA THR A 240 52.75 10.31 14.54
C THR A 240 53.61 9.11 14.97
N ASN A 241 53.29 8.56 16.13
CA ASN A 241 54.16 7.55 16.70
C ASN A 241 53.94 6.22 16.01
N ILE A 242 52.69 5.91 15.71
CA ILE A 242 52.38 4.66 15.05
C ILE A 242 53.09 4.56 13.70
N PHE A 243 53.19 5.67 12.96
CA PHE A 243 53.81 5.61 11.63
C PHE A 243 55.30 5.82 11.66
N SER A 244 55.83 6.04 12.86
CA SER A 244 57.26 6.23 13.05
C SER A 244 57.98 4.92 13.31
N GLN A 245 57.21 3.88 13.61
CA GLN A 245 57.79 2.59 13.94
C GLN A 245 57.81 1.77 12.68
N LYS A 246 59.01 1.43 12.23
CA LYS A 246 59.17 0.78 10.94
C LYS A 246 58.55 -0.63 10.90
N SER A 247 58.33 -1.21 12.06
CA SER A 247 57.80 -2.57 12.10
C SER A 247 56.28 -2.52 12.02
N ALA A 248 55.71 -1.49 12.61
CA ALA A 248 54.27 -1.32 12.60
C ALA A 248 53.72 -0.84 11.26
N VAL A 249 54.49 -0.09 10.48
CA VAL A 249 53.98 0.41 9.21
C VAL A 249 53.99 -0.65 8.11
N ASN A 250 54.77 -1.71 8.32
CA ASN A 250 54.80 -2.78 7.33
C ASN A 250 53.55 -3.64 7.46
N ASP A 251 53.02 -3.70 8.68
CA ASP A 251 51.80 -4.45 8.98
C ASP A 251 50.52 -3.74 8.57
N ILE A 252 50.55 -2.41 8.53
CA ILE A 252 49.32 -1.64 8.37
C ILE A 252 48.83 -1.64 6.93
N VAL A 253 47.59 -2.07 6.79
CA VAL A 253 46.94 -2.34 5.52
C VAL A 253 45.96 -1.24 5.15
N ASN A 254 45.26 -0.70 6.14
CA ASN A 254 44.34 0.39 5.85
C ASN A 254 44.00 1.22 7.08
N MET A 255 43.41 2.39 6.85
CA MET A 255 43.01 3.25 7.96
C MET A 255 41.85 4.11 7.52
N TYR A 256 40.84 4.27 8.37
CA TYR A 256 39.71 5.14 8.00
C TYR A 256 38.99 5.63 9.24
N VAL A 257 38.03 6.52 9.07
CA VAL A 257 37.21 6.98 10.20
C VAL A 257 35.76 6.59 9.95
N THR A 258 35.01 6.33 11.02
CA THR A 258 33.62 5.95 10.85
C THR A 258 32.78 6.52 12.00
N ASP A 259 31.50 6.76 11.75
CA ASP A 259 30.61 7.30 12.78
C ASP A 259 30.03 6.23 13.69
N TYR A 260 30.19 4.96 13.31
CA TYR A 260 29.48 3.90 14.00
C TYR A 260 30.12 2.59 13.67
N ILE A 261 30.56 1.85 14.69
CA ILE A 261 31.32 0.62 14.46
C ILE A 261 30.48 -0.63 14.61
N GLY A 262 29.16 -0.50 14.71
CA GLY A 262 28.27 -1.64 14.82
C GLY A 262 27.90 -2.00 16.25
N LEU A 263 28.23 -1.13 17.21
CA LEU A 263 27.90 -1.40 18.61
C LEU A 263 27.28 -0.19 19.31
N LYS A 264 26.26 -0.44 20.11
CA LYS A 264 25.86 0.52 21.13
C LYS A 264 26.95 0.46 22.18
N LEU A 265 27.54 1.60 22.50
CA LEU A 265 28.61 1.63 23.48
C LEU A 265 28.11 2.31 24.75
N ASP A 266 28.67 1.91 25.89
CA ASP A 266 28.42 2.61 27.14
C ASP A 266 29.20 3.94 27.10
N TYR A 267 28.57 4.98 26.58
CA TYR A 267 29.27 6.21 26.29
C TYR A 267 28.54 7.43 26.86
N LYS A 268 29.25 8.25 27.61
CA LYS A 268 28.67 9.48 28.15
C LYS A 268 29.32 10.69 27.47
N ASN A 269 28.63 11.26 26.49
CA ASN A 269 29.20 12.33 25.69
C ASN A 269 29.54 13.60 26.47
N GLY A 270 28.65 14.02 27.36
CA GLY A 270 28.89 15.15 28.24
C GLY A 270 30.12 14.98 29.12
N ASP A 271 30.23 13.83 29.77
CA ASP A 271 31.39 13.53 30.61
C ASP A 271 32.63 13.17 29.81
N LYS A 272 32.46 13.04 28.49
CA LYS A 272 33.53 12.56 27.62
C LYS A 272 34.15 11.29 28.18
N GLU A 273 33.32 10.27 28.36
CA GLU A 273 33.74 9.06 29.03
C GLU A 273 33.16 7.81 28.37
N LEU A 274 34.04 6.89 27.99
CA LEU A 274 33.68 5.69 27.26
C LEU A 274 34.05 4.44 28.06
N LYS A 275 33.09 3.52 28.24
CA LYS A 275 33.36 2.23 28.89
C LYS A 275 33.15 1.06 27.93
N LEU A 276 34.20 0.28 27.71
CA LEU A 276 34.17 -0.83 26.77
C LEU A 276 34.27 -2.20 27.46
N ASP A 277 33.58 -3.19 26.89
CA ASP A 277 33.60 -4.57 27.40
C ASP A 277 34.96 -5.26 27.17
N LYS A 278 35.56 -5.78 28.24
CA LYS A 278 36.87 -6.39 28.12
C LYS A 278 36.86 -7.71 27.34
N ASP A 279 35.69 -8.29 27.10
CA ASP A 279 35.64 -9.52 26.30
C ASP A 279 35.77 -9.19 24.82
N MET A 280 35.48 -7.95 24.44
CA MET A 280 35.57 -7.55 23.04
C MET A 280 36.81 -6.70 22.72
N PHE A 281 37.37 -6.02 23.72
CA PHE A 281 38.49 -5.12 23.49
C PHE A 281 39.64 -5.30 24.49
N GLU A 282 40.82 -4.77 24.16
CA GLU A 282 41.91 -4.77 25.12
C GLU A 282 42.89 -3.62 24.95
N GLN A 283 43.57 -3.26 26.04
CA GLN A 283 44.58 -2.21 26.01
C GLN A 283 45.68 -2.57 25.04
N ALA A 284 46.02 -1.65 24.17
CA ALA A 284 47.00 -1.91 23.14
C ALA A 284 48.11 -0.90 23.27
N GLY A 285 49.26 -1.38 23.73
CA GLY A 285 50.45 -0.56 23.81
C GLY A 285 51.32 -0.83 22.60
N ILE A 286 51.63 0.20 21.83
CA ILE A 286 52.49 -0.01 20.69
C ILE A 286 53.79 0.74 20.93
N ALA A 287 54.85 -0.01 21.18
CA ALA A 287 56.12 0.56 21.65
C ALA A 287 57.27 0.33 20.70
N ASP A 288 58.20 1.28 20.70
CA ASP A 288 59.34 1.27 19.79
C ASP A 288 60.64 1.28 20.59
N ASP A 289 60.63 1.99 21.71
CA ASP A 289 61.82 2.24 22.53
C ASP A 289 62.83 3.10 21.77
N LYS A 290 62.36 3.73 20.70
CA LYS A 290 63.12 4.77 20.02
C LYS A 290 62.17 5.96 19.88
N HIS A 291 60.93 5.67 19.49
CA HIS A 291 59.89 6.69 19.37
C HIS A 291 58.87 6.52 20.48
N GLY A 292 58.08 7.55 20.76
CA GLY A 292 57.17 7.50 21.89
C GLY A 292 56.12 6.39 21.83
N ASN A 293 55.61 6.05 23.00
CA ASN A 293 54.67 4.94 23.15
C ASN A 293 53.27 5.30 22.74
N VAL A 294 52.55 4.34 22.19
CA VAL A 294 51.17 4.56 21.82
C VAL A 294 50.24 3.71 22.66
N ASP A 295 49.19 4.33 23.20
CA ASP A 295 48.17 3.55 23.88
C ASP A 295 46.89 3.70 23.09
N THR A 296 46.44 2.58 22.55
CA THR A 296 45.24 2.57 21.75
C THR A 296 44.45 1.29 22.11
N ILE A 297 43.55 0.88 21.23
CA ILE A 297 42.64 -0.22 21.52
C ILE A 297 42.66 -1.34 20.50
N PHE A 298 42.79 -2.56 20.99
CA PHE A 298 42.75 -3.71 20.08
C PHE A 298 41.39 -4.39 20.16
N VAL A 299 40.85 -4.74 19.00
CA VAL A 299 39.57 -5.45 18.94
C VAL A 299 39.80 -6.95 19.02
N LYS A 300 39.41 -7.55 20.14
CA LYS A 300 39.57 -8.99 20.29
C LYS A 300 38.55 -9.74 19.43
N LYS A 301 37.30 -9.32 19.55
CA LYS A 301 36.22 -9.92 18.77
C LYS A 301 34.91 -9.11 18.87
N ILE A 302 34.22 -9.04 17.74
CA ILE A 302 32.86 -8.54 17.68
C ILE A 302 32.05 -9.50 16.81
N PRO A 303 31.50 -10.54 17.43
CA PRO A 303 30.75 -11.58 16.72
C PRO A 303 29.54 -11.03 15.96
N ASP A 304 28.75 -10.17 16.60
CA ASP A 304 27.55 -9.60 16.00
C ASP A 304 27.52 -8.09 16.15
N TYR A 305 27.05 -7.41 15.11
CA TYR A 305 26.77 -5.98 15.16
C TYR A 305 25.33 -5.73 15.63
N GLU A 306 25.04 -4.51 16.05
CA GLU A 306 23.71 -4.22 16.57
C GLU A 306 23.26 -2.85 16.14
N ALA A 307 21.95 -2.66 16.13
CA ALA A 307 21.36 -1.40 15.72
C ALA A 307 21.22 -0.43 16.88
N LEU A 308 21.49 0.83 16.61
CA LEU A 308 21.30 1.91 17.59
C LEU A 308 20.13 2.75 17.13
N GLU A 309 19.23 3.08 18.05
CA GLU A 309 18.07 3.88 17.69
C GLU A 309 18.24 5.35 18.08
N ILE A 310 17.91 6.23 17.16
CA ILE A 310 17.88 7.67 17.38
C ILE A 310 16.45 8.21 17.35
N ASP A 311 15.97 8.76 18.46
CA ASP A 311 14.62 9.31 18.51
C ASP A 311 14.60 10.82 18.21
N THR A 312 14.03 11.19 17.08
CA THR A 312 13.99 12.60 16.68
C THR A 312 12.68 13.28 17.12
N GLY A 313 11.80 12.55 17.77
CA GLY A 313 10.55 13.13 18.24
C GLY A 313 9.45 13.12 17.19
N ASP A 314 8.38 13.83 17.52
CA ASP A 314 7.17 13.95 16.72
C ASP A 314 7.52 14.14 15.25
N LYS A 315 7.06 13.20 14.43
CA LYS A 315 7.39 13.23 13.02
C LYS A 315 6.82 14.46 12.30
N TRP A 316 5.78 15.09 12.86
CA TRP A 316 5.20 16.31 12.24
C TRP A 316 5.89 17.57 12.75
N GLY A 317 6.81 17.42 13.69
CA GLY A 317 7.52 18.56 14.22
C GLY A 317 8.26 19.31 13.13
N GLY A 318 8.22 20.63 13.16
CA GLY A 318 8.93 21.44 12.19
C GLY A 318 8.09 21.95 11.01
N PHE A 319 7.15 21.12 10.52
CA PHE A 319 6.21 21.56 9.48
C PHE A 319 5.26 22.60 10.05
N THR A 320 4.82 23.55 9.24
CA THR A 320 3.79 24.45 9.73
C THR A 320 2.47 23.75 9.40
N LYS A 321 1.59 23.62 10.39
CA LYS A 321 0.31 22.93 10.17
C LYS A 321 -0.68 23.89 9.50
N ASP A 322 -1.20 23.50 8.34
CA ASP A 322 -2.22 24.32 7.70
C ASP A 322 -3.57 23.85 8.22
N GLN A 323 -4.59 24.68 8.10
CA GLN A 323 -5.93 24.26 8.45
C GLN A 323 -6.36 23.05 7.62
N GLU A 324 -6.03 23.06 6.34
CA GLU A 324 -6.30 21.91 5.49
C GLU A 324 -5.21 20.86 5.65
N SER A 325 -5.53 19.79 6.35
CA SER A 325 -4.55 18.77 6.70
C SER A 325 -3.95 18.04 5.49
N LYS A 326 -4.66 18.02 4.37
CA LYS A 326 -4.13 17.33 3.19
C LYS A 326 -2.83 18.00 2.70
N LEU A 327 -2.62 19.27 3.09
CA LEU A 327 -1.38 19.96 2.74
C LEU A 327 -0.18 19.45 3.57
N MET A 328 -0.44 18.51 4.49
CA MET A 328 0.62 17.83 5.24
C MET A 328 1.06 16.57 4.52
N MET A 329 0.27 16.11 3.55
CA MET A 329 0.60 14.90 2.78
C MET A 329 1.59 15.15 1.65
N TYR A 330 2.25 14.09 1.21
CA TYR A 330 2.98 14.11 -0.04
C TYR A 330 1.98 14.25 -1.18
N PRO A 331 2.31 15.05 -2.18
CA PRO A 331 3.61 15.68 -2.43
C PRO A 331 3.78 17.10 -1.87
N TYR A 332 2.84 17.57 -1.06
CA TYR A 332 2.92 18.95 -0.55
C TYR A 332 3.97 19.09 0.55
N CYS A 333 4.17 18.02 1.31
CA CYS A 333 5.23 17.99 2.31
C CYS A 333 6.05 16.77 2.06
N VAL A 334 7.31 16.81 2.45
CA VAL A 334 8.14 15.60 2.43
C VAL A 334 9.21 15.68 3.53
N THR A 335 9.56 14.52 4.07
CA THR A 335 10.69 14.41 5.00
C THR A 335 11.89 13.81 4.28
N GLU A 336 12.98 14.54 4.20
CA GLU A 336 14.14 14.01 3.53
C GLU A 336 15.18 13.63 4.56
N ILE A 337 15.79 12.48 4.33
CA ILE A 337 16.87 11.99 5.13
C ILE A 337 18.10 11.90 4.24
N THR A 338 19.19 12.50 4.68
CA THR A 338 20.37 12.54 3.85
C THR A 338 21.60 12.58 4.72
N ASP A 339 22.73 12.16 4.16
CA ASP A 339 24.01 12.28 4.85
C ASP A 339 24.85 13.37 4.19
N PHE A 340 24.27 14.02 3.19
CA PHE A 340 24.93 15.07 2.42
C PHE A 340 26.22 14.57 1.77
N LYS A 341 26.30 13.27 1.56
CA LYS A 341 27.46 12.67 0.92
C LYS A 341 27.02 11.81 -0.25
N GLY A 342 25.91 12.21 -0.87
CA GLY A 342 25.43 11.55 -2.07
C GLY A 342 24.28 10.58 -1.80
N ASN A 343 23.94 10.37 -0.53
CA ASN A 343 22.83 9.48 -0.24
C ASN A 343 21.66 10.23 0.36
N HIS A 344 20.49 10.02 -0.21
CA HIS A 344 19.31 10.67 0.31
C HIS A 344 18.08 9.89 -0.06
N MET A 345 17.01 10.17 0.66
CA MET A 345 15.85 9.35 0.63
C MET A 345 14.65 10.25 0.99
N ASN A 346 13.66 10.36 0.11
CA ASN A 346 12.46 11.15 0.42
C ASN A 346 11.38 10.29 1.05
N LEU A 347 10.95 10.67 2.24
CA LEU A 347 9.92 9.92 2.95
C LEU A 347 8.60 10.64 2.91
N LYS A 348 7.54 9.90 2.66
CA LYS A 348 6.19 10.43 2.79
C LYS A 348 5.78 10.26 4.24
N THR A 349 5.87 11.35 4.97
CA THR A 349 5.69 11.35 6.42
C THR A 349 4.45 10.58 6.89
N GLU A 350 3.36 10.70 6.15
CA GLU A 350 2.10 10.09 6.58
C GLU A 350 2.25 8.58 6.63
N TYR A 351 3.25 8.05 5.93
CA TYR A 351 3.44 6.61 5.85
C TYR A 351 4.51 6.08 6.82
N ILE A 352 5.00 6.94 7.71
CA ILE A 352 5.82 6.45 8.81
C ILE A 352 4.92 5.90 9.90
N ASN A 353 4.86 4.58 10.05
CA ASN A 353 3.87 4.02 10.93
C ASN A 353 4.33 4.14 12.38
N ASN A 354 4.27 5.37 12.86
CA ASN A 354 4.69 5.73 14.20
C ASN A 354 4.40 7.21 14.41
N SER A 355 4.16 7.64 15.64
CA SER A 355 3.93 9.05 15.88
C SER A 355 5.26 9.80 15.88
N LYS A 356 6.34 9.07 16.10
CA LYS A 356 7.66 9.70 16.15
C LYS A 356 8.50 9.28 14.96
N LEU A 357 9.46 10.13 14.58
CA LEU A 357 10.41 9.77 13.54
C LEU A 357 11.63 9.15 14.24
N LYS A 358 11.79 7.84 14.09
CA LYS A 358 12.90 7.12 14.71
C LYS A 358 13.79 6.52 13.65
N ILE A 359 15.08 6.74 13.80
CA ILE A 359 16.06 6.26 12.84
C ILE A 359 16.95 5.19 13.48
N GLN A 360 17.14 4.09 12.77
CA GLN A 360 18.03 3.04 13.27
C GLN A 360 19.38 3.10 12.55
N VAL A 361 20.45 3.11 13.32
CA VAL A 361 21.80 3.11 12.75
C VAL A 361 22.39 1.72 12.80
N ARG A 362 22.99 1.29 11.70
CA ARG A 362 23.72 0.02 11.66
C ARG A 362 25.07 0.26 11.04
N GLY A 363 26.05 -0.51 11.45
CA GLY A 363 27.39 -0.28 10.98
C GLY A 363 28.19 -1.54 10.98
N SER A 364 29.51 -1.37 10.97
CA SER A 364 30.41 -2.50 10.79
C SER A 364 31.82 -2.05 11.13
N LEU A 365 32.69 -3.04 11.23
CA LEU A 365 34.11 -2.79 11.42
C LEU A 365 34.84 -3.71 10.45
N GLY A 366 34.69 -3.40 9.17
CA GLY A 366 35.35 -4.16 8.12
C GLY A 366 36.45 -3.31 7.49
N VAL A 367 36.69 -3.54 6.21
CA VAL A 367 37.88 -3.05 5.52
C VAL A 367 37.83 -1.55 5.26
N SER A 368 36.64 -0.99 5.18
CA SER A 368 36.50 0.45 5.11
C SER A 368 35.13 0.82 5.67
N ASN A 369 34.87 2.11 5.79
CA ASN A 369 33.62 2.58 6.39
C ASN A 369 32.33 2.09 5.69
N LYS A 370 31.38 1.63 6.50
CA LYS A 370 30.01 1.41 6.05
C LYS A 370 28.98 1.56 7.17
N VAL A 371 28.13 2.56 7.03
CA VAL A 371 27.06 2.83 7.97
C VAL A 371 25.75 2.98 7.25
N ALA A 372 24.68 2.45 7.82
CA ALA A 372 23.35 2.57 7.24
C ALA A 372 22.37 3.29 8.18
N TYR A 373 21.55 4.17 7.63
CA TYR A 373 20.49 4.80 8.41
C TYR A 373 19.14 4.37 7.87
N SER A 374 18.31 3.81 8.73
CA SER A 374 17.02 3.27 8.34
C SER A 374 15.91 3.96 9.10
N VAL A 375 14.72 3.96 8.49
CA VAL A 375 13.49 4.31 9.21
C VAL A 375 12.57 3.11 9.15
N GLN A 376 12.75 2.18 10.09
CA GLN A 376 12.09 0.88 9.97
C GLN A 376 10.57 1.00 9.98
N ASP A 377 10.04 2.11 10.47
CA ASP A 377 8.60 2.23 10.58
C ASP A 377 7.97 2.62 9.25
N TYR A 378 8.79 3.02 8.29
CA TYR A 378 8.28 3.48 7.00
C TYR A 378 7.57 2.37 6.22
N ASN A 379 6.30 2.59 5.91
CA ASN A 379 5.47 1.63 5.17
C ASN A 379 5.26 0.30 5.89
N ALA A 380 5.50 0.30 7.19
CA ALA A 380 5.31 -0.93 7.95
C ALA A 380 3.87 -1.10 8.29
N ASP A 381 3.36 -2.29 8.08
CA ASP A 381 2.04 -2.64 8.54
C ASP A 381 2.04 -2.64 10.07
N SER A 382 0.92 -2.25 10.67
CA SER A 382 0.87 -2.14 12.14
C SER A 382 1.19 -3.42 12.87
N ALA A 383 0.81 -4.56 12.30
CA ALA A 383 1.04 -5.84 12.97
C ALA A 383 2.47 -6.32 12.77
N LEU A 384 3.26 -5.57 12.02
CA LEU A 384 4.61 -6.01 11.72
C LEU A 384 5.57 -5.77 12.88
N SER A 385 6.17 -6.85 13.38
CA SER A 385 7.12 -6.77 14.50
C SER A 385 8.36 -5.89 14.23
N GLY A 386 8.96 -5.40 15.31
CA GLY A 386 10.16 -4.57 15.23
C GLY A 386 11.32 -5.22 14.50
N GLY A 387 11.57 -6.50 14.78
CA GLY A 387 12.63 -7.25 14.13
C GLY A 387 12.40 -7.29 12.63
N ASN A 388 11.18 -7.65 12.24
CA ASN A 388 10.82 -7.71 10.83
C ASN A 388 10.92 -6.34 10.17
N ARG A 389 10.53 -5.29 10.89
CA ARG A 389 10.60 -3.96 10.34
C ARG A 389 12.06 -3.61 10.04
N LEU A 390 12.95 -3.87 11.00
CA LEU A 390 14.35 -3.53 10.82
C LEU A 390 14.94 -4.30 9.64
N THR A 391 14.61 -5.58 9.57
CA THR A 391 15.09 -6.46 8.51
C THR A 391 14.72 -5.91 7.13
N ALA A 392 13.43 -5.58 6.95
CA ALA A 392 12.93 -5.16 5.65
C ALA A 392 13.37 -3.74 5.22
N SER A 393 13.98 -3.00 6.12
CA SER A 393 14.20 -1.60 5.91
C SER A 393 15.46 -1.32 5.10
N LEU A 394 16.31 -2.34 4.95
CA LEU A 394 17.63 -2.13 4.37
C LEU A 394 17.60 -1.61 2.94
N ASP A 395 16.63 -2.05 2.15
CA ASP A 395 16.57 -1.57 0.75
C ASP A 395 15.96 -0.18 0.66
N SER A 396 15.55 0.40 1.79
CA SER A 396 15.05 1.77 1.85
C SER A 396 15.89 2.60 2.79
N SER A 397 17.19 2.37 2.82
CA SER A 397 18.03 3.01 3.83
C SER A 397 19.08 3.91 3.20
N LEU A 398 19.58 4.86 3.98
CA LEU A 398 20.81 5.54 3.60
C LEU A 398 21.99 4.60 3.78
N ILE A 399 22.61 4.23 2.67
CA ILE A 399 23.82 3.45 2.75
C ILE A 399 25.03 4.36 2.58
N ASN A 400 25.66 4.72 3.69
CA ASN A 400 26.90 5.49 3.65
C ASN A 400 28.14 4.58 3.53
N ASN A 401 28.54 4.27 2.31
CA ASN A 401 29.67 3.37 2.09
C ASN A 401 30.92 4.03 1.49
N ASN A 402 31.00 5.35 1.60
CA ASN A 402 32.27 6.06 1.39
C ASN A 402 33.30 5.39 2.28
N PRO A 403 34.42 4.98 1.69
CA PRO A 403 35.41 4.29 2.53
C PRO A 403 36.00 5.18 3.64
N ASN A 404 36.05 6.50 3.43
CA ASN A 404 36.66 7.41 4.42
C ASN A 404 38.10 7.06 4.72
N ASP A 405 38.82 6.57 3.72
CA ASP A 405 40.20 6.15 3.90
C ASP A 405 41.10 7.34 4.20
N ILE A 406 42.16 7.05 4.95
CA ILE A 406 43.17 8.03 5.29
C ILE A 406 44.50 7.45 4.86
N ALA A 407 45.39 8.30 4.35
CA ALA A 407 46.64 7.84 3.75
C ALA A 407 47.47 6.99 4.70
N ILE A 408 48.17 6.01 4.13
CA ILE A 408 49.09 5.14 4.85
C ILE A 408 50.54 5.37 4.39
N LEU A 409 51.50 5.35 5.31
CA LEU A 409 52.90 5.56 4.96
C LEU A 409 53.67 4.24 4.72
N GLY A 497 39.73 7.08 -1.82
CA GLY A 497 38.37 6.77 -2.27
C GLY A 497 37.35 7.89 -2.19
N GLY A 498 37.70 9.03 -1.60
CA GLY A 498 36.77 10.14 -1.40
C GLY A 498 37.39 11.18 -0.47
N ASN A 499 36.94 12.43 -0.51
CA ASN A 499 37.62 13.49 0.28
C ASN A 499 37.06 13.66 1.69
N THR A 500 37.66 12.95 2.62
CA THR A 500 37.16 12.88 3.97
C THR A 500 37.43 14.21 4.69
N ALA A 501 38.55 14.84 4.37
CA ALA A 501 38.90 16.10 5.01
C ALA A 501 37.86 17.19 4.76
N PHE A 502 37.33 17.29 3.55
CA PHE A 502 36.36 18.33 3.24
C PHE A 502 35.11 18.12 4.10
N ASP A 503 34.67 16.87 4.20
CA ASP A 503 33.45 16.55 4.96
C ASP A 503 33.61 16.83 6.46
N TYR A 504 34.61 16.23 7.07
CA TYR A 504 34.81 16.38 8.52
C TYR A 504 35.17 17.82 8.86
N GLY A 505 36.08 18.39 8.09
CA GLY A 505 36.51 19.76 8.33
C GLY A 505 35.38 20.77 8.28
N ASN A 506 34.33 20.46 7.52
CA ASN A 506 33.20 21.39 7.40
C ASN A 506 31.98 20.93 8.22
N GLY A 507 32.16 19.88 9.01
CA GLY A 507 31.16 19.49 9.99
C GLY A 507 30.04 18.56 9.55
N TYR A 508 30.25 17.83 8.44
CA TYR A 508 29.26 16.88 7.96
C TYR A 508 29.55 15.45 8.44
N ARG A 509 28.73 15.00 9.39
CA ARG A 509 28.84 13.65 9.96
C ARG A 509 27.45 13.20 10.29
N GLY A 510 27.25 11.89 10.41
CA GLY A 510 25.99 11.40 10.91
C GLY A 510 24.88 11.62 9.90
N VAL A 511 23.66 11.77 10.39
CA VAL A 511 22.51 11.80 9.50
C VAL A 511 21.72 13.10 9.67
N TYR A 512 21.11 13.56 8.59
CA TYR A 512 20.35 14.81 8.61
C TYR A 512 18.91 14.58 8.22
N VAL A 513 18.01 15.26 8.90
CA VAL A 513 16.61 15.23 8.56
C VAL A 513 16.23 16.62 8.07
N ILE A 514 15.88 16.72 6.78
CA ILE A 514 15.50 17.98 6.14
C ILE A 514 14.00 17.98 5.83
N LYS A 515 13.25 18.92 6.39
CA LYS A 515 11.81 18.91 6.16
C LYS A 515 11.41 20.00 5.19
N LYS A 516 10.58 19.62 4.23
CA LYS A 516 10.21 20.51 3.13
C LYS A 516 8.71 20.65 2.93
N GLN A 517 8.25 21.85 2.61
CA GLN A 517 6.85 22.04 2.22
C GLN A 517 6.71 23.03 1.07
N LEU A 518 5.57 22.97 0.38
CA LEU A 518 5.34 23.76 -0.81
C LEU A 518 5.32 25.26 -0.48
N LYS A 519 5.61 26.11 -1.46
CA LYS A 519 5.71 27.55 -1.24
C LYS A 519 4.37 28.21 -0.84
N ALA A 520 4.45 29.36 -0.19
CA ALA A 520 3.25 30.09 0.23
C ALA A 520 2.23 30.25 -0.91
N GLU A 521 2.73 30.59 -2.09
CA GLU A 521 1.86 30.82 -3.23
C GLU A 521 0.94 29.61 -3.49
N TYR A 522 1.47 28.38 -3.42
CA TYR A 522 0.67 27.20 -3.72
C TYR A 522 -0.13 26.73 -2.52
N ARG A 523 0.38 27.00 -1.33
CA ARG A 523 -0.39 26.75 -0.13
C ARG A 523 -1.70 27.54 -0.17
N ARG A 524 -1.60 28.86 -0.41
CA ARG A 524 -2.79 29.70 -0.56
C ARG A 524 -3.74 29.15 -1.62
N SER A 525 -3.19 28.91 -2.81
CA SER A 525 -3.96 28.37 -3.93
C SER A 525 -4.76 27.10 -3.57
N LEU A 526 -4.06 26.05 -3.13
CA LEU A 526 -4.68 24.77 -2.85
C LEU A 526 -5.59 24.80 -1.61
N SER A 527 -5.14 25.52 -0.60
CA SER A 527 -5.89 25.59 0.64
C SER A 527 -7.28 26.17 0.38
N SER A 528 -7.32 27.21 -0.43
CA SER A 528 -8.57 27.91 -0.74
C SER A 528 -9.48 27.00 -1.54
N PHE A 529 -8.87 26.18 -2.39
CA PHE A 529 -9.65 25.26 -3.20
C PHE A 529 -10.28 24.16 -2.33
N PHE A 530 -9.48 23.56 -1.45
CA PHE A 530 -9.95 22.54 -0.51
C PHE A 530 -11.00 23.11 0.45
N HIS A 531 -10.78 24.35 0.86
CA HIS A 531 -11.72 24.98 1.77
C HIS A 531 -13.11 25.02 1.13
N LYS A 532 -13.17 25.40 -0.13
CA LYS A 532 -14.47 25.52 -0.76
C LYS A 532 -15.06 24.20 -1.26
N TYR A 533 -14.21 23.32 -1.80
CA TYR A 533 -14.71 22.15 -2.51
C TYR A 533 -14.29 20.80 -1.91
N GLY A 534 -13.82 20.80 -0.66
CA GLY A 534 -13.33 19.57 -0.04
C GLY A 534 -12.22 18.85 -0.82
N TYR A 535 -12.12 17.53 -0.58
CA TYR A 535 -11.11 16.70 -1.21
C TYR A 535 -11.67 15.74 -2.27
N LYS A 536 -10.83 15.35 -3.21
CA LYS A 536 -11.15 14.24 -4.11
C LYS A 536 -11.28 12.97 -3.29
N ILE A 537 -12.35 12.20 -3.47
CA ILE A 537 -12.63 11.06 -2.59
C ILE A 537 -12.53 9.69 -3.27
N ASN A 538 -13.18 9.56 -4.42
CA ASN A 538 -13.22 8.32 -5.21
C ASN A 538 -13.60 7.07 -4.40
N ARG A 539 -14.63 7.20 -3.56
CA ARG A 539 -15.20 6.09 -2.79
C ARG A 539 -16.68 5.93 -3.03
N VAL A 540 -17.15 4.69 -3.03
CA VAL A 540 -18.58 4.42 -2.95
C VAL A 540 -18.98 4.31 -1.48
N LYS A 541 -19.71 5.32 -1.02
CA LYS A 541 -20.12 5.41 0.38
C LYS A 541 -21.32 6.34 0.48
N LYS A 542 -21.89 6.50 1.67
CA LYS A 542 -22.88 7.55 1.87
C LYS A 542 -22.16 8.88 2.00
N PRO A 543 -22.72 9.93 1.38
CA PRO A 543 -22.08 11.24 1.30
C PRO A 543 -22.14 12.01 2.61
N ASN A 544 -21.15 12.88 2.83
CA ASN A 544 -21.17 13.76 3.99
C ASN A 544 -22.06 14.96 3.73
N LEU A 545 -23.25 14.97 4.34
CA LEU A 545 -24.20 16.06 4.13
C LEU A 545 -24.11 17.18 5.18
N ARG A 546 -23.97 16.84 6.46
CA ARG A 546 -23.91 17.90 7.46
C ARG A 546 -22.86 17.60 8.53
N THR A 547 -21.62 17.42 8.09
CA THR A 547 -20.53 17.10 9.00
C THR A 547 -19.69 18.32 9.36
N ARG A 548 -19.87 19.42 8.63
CA ARG A 548 -19.17 20.68 8.91
C ARG A 548 -20.15 21.72 9.46
N LYS A 549 -19.63 22.70 10.21
CA LYS A 549 -20.47 23.67 10.90
C LYS A 549 -21.18 24.65 9.96
N ALA A 550 -20.52 25.03 8.87
CA ALA A 550 -21.06 26.08 8.00
C ALA A 550 -21.55 25.55 6.63
N PHE A 551 -20.76 24.73 5.97
CA PHE A 551 -21.20 24.23 4.68
C PHE A 551 -20.52 22.92 4.33
N ASN A 552 -21.18 22.15 3.48
CA ASN A 552 -20.70 20.89 2.97
C ASN A 552 -20.83 20.86 1.45
N TYR A 553 -19.72 20.64 0.76
CA TYR A 553 -19.80 20.49 -0.68
C TYR A 553 -19.95 19.01 -1.00
N VAL A 554 -20.79 18.70 -1.98
CA VAL A 554 -21.03 17.31 -2.31
C VAL A 554 -21.14 17.13 -3.80
N GLN A 555 -20.29 16.26 -4.35
CA GLN A 555 -20.39 15.92 -5.75
C GLN A 555 -20.27 14.42 -5.92
N THR A 556 -21.26 13.86 -6.58
CA THR A 556 -21.31 12.42 -6.80
C THR A 556 -21.23 12.05 -8.29
N LYS A 557 -21.16 10.75 -8.55
CA LYS A 557 -21.31 10.25 -9.88
C LYS A 557 -22.26 9.05 -9.80
N ASP A 558 -23.32 9.07 -10.61
CA ASP A 558 -24.26 7.97 -10.62
C ASP A 558 -24.81 7.60 -9.24
N CYS A 559 -25.25 8.60 -8.48
CA CYS A 559 -25.67 8.37 -7.10
C CYS A 559 -26.99 7.62 -7.00
N PHE A 560 -27.16 6.92 -5.89
CA PHE A 560 -28.41 6.22 -5.59
C PHE A 560 -29.16 6.97 -4.50
N ILE A 561 -30.39 7.37 -4.80
CA ILE A 561 -31.22 8.05 -3.83
C ILE A 561 -32.63 7.52 -3.93
N SER A 562 -33.18 7.05 -2.81
CA SER A 562 -34.56 6.55 -2.83
C SER A 562 -35.46 7.45 -2.01
N GLY A 563 -36.75 7.10 -1.98
CA GLY A 563 -37.74 7.75 -1.14
C GLY A 563 -39.12 7.79 -1.75
N ASP A 564 -40.13 8.13 -0.96
CA ASP A 564 -41.47 8.34 -1.49
C ASP A 564 -41.53 9.68 -2.21
N ILE A 565 -41.21 9.65 -3.49
CA ILE A 565 -41.11 10.85 -4.29
C ILE A 565 -41.48 10.42 -5.68
N ASN A 566 -42.24 11.25 -6.38
CA ASN A 566 -42.54 10.96 -7.79
C ASN A 566 -41.22 10.88 -8.52
N ASN A 567 -41.16 10.02 -9.53
CA ASN A 567 -39.87 9.71 -10.14
C ASN A 567 -39.20 10.86 -10.86
N ASN A 568 -39.98 11.79 -11.42
CA ASN A 568 -39.37 12.95 -12.07
C ASN A 568 -38.53 13.76 -11.08
N ASP A 569 -39.08 14.01 -9.89
CA ASP A 569 -38.40 14.80 -8.89
C ASP A 569 -37.19 14.02 -8.32
N LEU A 570 -37.37 12.73 -8.13
CA LEU A 570 -36.28 11.89 -7.66
C LEU A 570 -35.11 11.89 -8.66
N GLN A 571 -35.42 11.84 -9.95
CA GLN A 571 -34.39 11.86 -10.99
C GLN A 571 -33.66 13.19 -10.96
N GLU A 572 -34.39 14.27 -10.74
CA GLU A 572 -33.77 15.58 -10.69
C GLU A 572 -32.81 15.68 -9.51
N ILE A 573 -33.22 15.18 -8.34
CA ILE A 573 -32.38 15.23 -7.16
C ILE A 573 -31.07 14.45 -7.37
N ARG A 574 -31.14 13.27 -7.98
CA ARG A 574 -29.91 12.54 -8.30
C ARG A 574 -28.99 13.39 -9.16
N THR A 575 -29.59 14.00 -10.18
CA THR A 575 -28.89 14.87 -11.10
C THR A 575 -28.23 16.05 -10.39
N ILE A 576 -28.93 16.63 -9.42
CA ILE A 576 -28.38 17.78 -8.71
C ILE A 576 -27.12 17.40 -7.95
N PHE A 577 -27.13 16.27 -7.25
CA PHE A 577 -25.92 15.86 -6.53
C PHE A 577 -24.86 15.33 -7.48
N ASP A 578 -25.26 14.80 -8.63
CA ASP A 578 -24.26 14.37 -9.59
C ASP A 578 -23.55 15.59 -10.20
N ASN A 579 -24.21 16.74 -10.24
CA ASN A 579 -23.53 17.96 -10.71
C ASN A 579 -22.75 18.69 -9.62
N GLY A 580 -22.97 18.32 -8.37
CA GLY A 580 -22.27 18.96 -7.28
C GLY A 580 -23.08 20.11 -6.71
N ILE A 581 -23.12 20.20 -5.39
CA ILE A 581 -23.89 21.23 -4.71
C ILE A 581 -23.30 21.52 -3.35
N THR A 582 -23.50 22.75 -2.89
CA THR A 582 -23.09 23.13 -1.55
C THR A 582 -24.28 23.25 -0.62
N LEU A 583 -24.25 22.49 0.46
CA LEU A 583 -25.33 22.52 1.43
C LEU A 583 -24.93 23.42 2.60
N TRP A 584 -25.65 24.52 2.79
CA TRP A 584 -25.29 25.48 3.83
C TRP A 584 -26.00 25.13 5.13
N HIS A 585 -25.30 25.28 6.24
CA HIS A 585 -25.89 24.97 7.54
C HIS A 585 -26.04 26.22 8.40
N THR A 586 -25.84 27.39 7.82
CA THR A 586 -26.11 28.64 8.52
C THR A 586 -26.73 29.63 7.59
N ASP A 587 -27.30 30.70 8.12
CA ASP A 587 -27.98 31.66 7.27
C ASP A 587 -27.03 32.59 6.53
N ASN A 588 -25.76 32.58 6.90
CA ASN A 588 -24.80 33.41 6.18
C ASN A 588 -24.33 32.69 4.91
N ILE A 589 -25.25 32.49 3.97
CA ILE A 589 -25.00 31.70 2.77
C ILE A 589 -24.05 32.39 1.78
N GLY A 590 -22.93 31.73 1.48
CA GLY A 590 -21.97 32.28 0.55
C GLY A 590 -20.75 32.91 1.21
N ASN A 591 -20.78 33.05 2.53
CA ASN A 591 -19.62 33.60 3.23
C ASN A 591 -18.57 32.52 3.48
N TYR A 592 -17.54 32.50 2.64
CA TYR A 592 -16.55 31.43 2.70
C TYR A 592 -15.39 31.74 3.66
N SER A 593 -15.42 32.91 4.27
CA SER A 593 -14.38 33.32 5.24
C SER A 593 -14.29 32.48 6.50
N VAL A 594 -15.41 31.91 6.90
CA VAL A 594 -15.50 31.17 8.15
C VAL A 594 -14.64 29.91 8.14
N GLU A 595 -14.31 29.42 9.34
CA GLU A 595 -13.46 28.24 9.47
C GLU A 595 -14.10 26.97 8.94
N ASN A 596 -15.39 26.79 9.22
CA ASN A 596 -16.13 25.60 8.77
C ASN A 596 -15.52 24.30 9.30
N GLU A 597 -15.25 24.30 10.61
CA GLU A 597 -14.66 23.14 11.27
C GLU A 597 -15.65 21.98 11.37
N LEU A 598 -15.16 20.83 11.80
CA LEU A 598 -15.99 19.65 11.93
C LEU A 598 -17.13 19.87 12.93
N ARG A 599 -18.12 18.99 12.84
CA ARG A 599 -19.33 18.94 13.67
C ARG A 599 -20.35 20.01 13.29
N PRO B 5 -49.50 -3.14 -25.18
CA PRO B 5 -50.10 -1.80 -25.35
C PRO B 5 -51.57 -1.86 -25.77
N LEU B 6 -52.37 -2.63 -25.04
CA LEU B 6 -53.79 -2.84 -25.34
C LEU B 6 -54.71 -2.63 -24.14
N SER B 7 -56.01 -2.40 -24.39
CA SER B 7 -57.02 -2.33 -23.32
C SER B 7 -57.12 -3.63 -22.51
N GLY B 8 -57.20 -3.50 -21.19
CA GLY B 8 -56.95 -4.61 -20.28
C GLY B 8 -57.96 -5.00 -19.21
N THR B 9 -57.79 -6.19 -18.66
CA THR B 9 -58.60 -6.66 -17.53
C THR B 9 -57.76 -6.91 -16.27
N ASN B 10 -58.44 -7.09 -15.13
CA ASN B 10 -57.80 -7.43 -13.85
C ASN B 10 -56.77 -6.40 -13.38
N VAL B 11 -57.05 -5.14 -13.72
CA VAL B 11 -56.15 -4.02 -13.49
C VAL B 11 -55.91 -3.72 -12.01
N ARG B 12 -54.66 -3.40 -11.68
CA ARG B 12 -54.32 -2.99 -10.33
C ARG B 12 -53.31 -1.86 -10.34
N ILE B 13 -53.61 -0.79 -9.62
CA ILE B 13 -52.67 0.30 -9.44
C ILE B 13 -51.98 0.15 -8.09
N LEU B 14 -50.65 0.09 -8.12
CA LEU B 14 -49.84 -0.19 -6.92
C LEU B 14 -49.07 1.01 -6.38
N ALA B 15 -48.81 1.00 -5.07
CA ALA B 15 -47.94 1.98 -4.45
C ALA B 15 -46.56 1.38 -4.18
N ASP B 16 -45.58 2.24 -3.91
CA ASP B 16 -44.27 1.80 -3.42
C ASP B 16 -43.45 0.93 -4.38
N VAL B 17 -43.54 1.16 -5.69
CA VAL B 17 -42.62 0.48 -6.60
C VAL B 17 -41.40 1.37 -6.82
N PRO B 18 -40.25 0.92 -6.32
CA PRO B 18 -39.05 1.74 -6.12
C PRO B 18 -38.19 2.01 -7.35
N PHE B 19 -38.60 1.60 -8.54
CA PHE B 19 -37.75 1.89 -9.70
C PHE B 19 -38.55 2.58 -10.79
N SER B 20 -37.84 3.10 -11.79
CA SER B 20 -38.42 4.05 -12.73
C SER B 20 -38.01 3.78 -14.16
N ASN B 21 -38.56 4.59 -15.05
CA ASN B 21 -38.25 4.55 -16.48
C ASN B 21 -36.84 5.04 -16.85
N ASP B 22 -36.00 5.30 -15.85
CA ASP B 22 -34.57 5.51 -16.10
C ASP B 22 -33.87 4.17 -16.32
N TYR B 23 -34.47 3.11 -15.79
CA TYR B 23 -33.94 1.78 -15.98
C TYR B 23 -32.50 1.62 -15.49
N LYS B 24 -32.15 2.24 -14.38
CA LYS B 24 -30.84 2.01 -13.79
C LYS B 24 -30.92 0.86 -12.79
N ASN B 25 -32.12 0.64 -12.27
CA ASN B 25 -32.36 -0.43 -11.32
C ASN B 25 -33.64 -1.15 -11.64
N THR B 26 -33.69 -2.42 -11.34
CA THR B 26 -34.94 -3.14 -11.41
C THR B 26 -34.87 -4.39 -10.55
N ARG B 27 -36.01 -4.95 -10.22
CA ARG B 27 -36.03 -6.19 -9.49
C ARG B 27 -36.09 -7.33 -10.47
N TRP B 28 -35.04 -8.13 -10.48
CA TRP B 28 -34.97 -9.28 -11.37
C TRP B 28 -35.60 -10.51 -10.68
N PHE B 29 -36.21 -11.37 -11.48
CA PHE B 29 -36.90 -12.54 -10.94
C PHE B 29 -36.45 -13.83 -11.63
N THR B 30 -36.67 -14.94 -10.95
CA THR B 30 -36.33 -16.26 -11.48
C THR B 30 -37.46 -16.90 -12.27
N SER B 31 -38.70 -16.44 -12.06
CA SER B 31 -39.86 -16.98 -12.79
C SER B 31 -41.00 -15.96 -12.86
N SER B 32 -41.89 -16.13 -13.83
CA SER B 32 -43.02 -15.22 -13.99
C SER B 32 -43.98 -15.27 -12.80
N SER B 33 -44.12 -16.44 -12.19
CA SER B 33 -44.96 -16.58 -11.00
C SER B 33 -44.39 -15.77 -9.85
N ASN B 34 -43.08 -15.90 -9.61
CA ASN B 34 -42.40 -15.16 -8.55
C ASN B 34 -42.52 -13.64 -8.73
N GLN B 35 -42.42 -13.21 -9.98
CA GLN B 35 -42.58 -11.81 -10.35
C GLN B 35 -43.97 -11.31 -9.95
N TYR B 36 -45.00 -12.09 -10.31
CA TYR B 36 -46.36 -11.77 -9.93
C TYR B 36 -46.51 -11.69 -8.42
N ASN B 37 -45.92 -12.65 -7.71
CA ASN B 37 -46.03 -12.70 -6.25
C ASN B 37 -45.48 -11.44 -5.62
N TRP B 38 -44.33 -10.98 -6.11
CA TRP B 38 -43.69 -9.78 -5.60
C TRP B 38 -44.58 -8.57 -5.77
N PHE B 39 -45.08 -8.35 -6.99
CA PHE B 39 -45.92 -7.20 -7.24
C PHE B 39 -47.23 -7.31 -6.49
N ASN B 40 -47.69 -8.55 -6.30
CA ASN B 40 -48.98 -8.79 -5.66
C ASN B 40 -48.95 -8.51 -4.16
N SER B 41 -47.75 -8.46 -3.60
CA SER B 41 -47.58 -8.17 -2.19
C SER B 41 -47.51 -6.66 -1.96
N LYS B 42 -47.63 -5.91 -3.05
CA LYS B 42 -47.67 -4.45 -2.98
C LYS B 42 -49.08 -3.96 -2.67
N SER B 43 -49.17 -2.79 -2.03
CA SER B 43 -50.44 -2.19 -1.65
C SER B 43 -51.26 -1.80 -2.87
N ARG B 44 -52.54 -2.19 -2.90
CA ARG B 44 -53.41 -1.86 -4.00
C ARG B 44 -54.02 -0.49 -3.79
N VAL B 45 -53.62 0.49 -4.58
CA VAL B 45 -54.21 1.83 -4.48
C VAL B 45 -55.58 1.83 -5.17
N TYR B 46 -55.75 0.96 -6.17
CA TYR B 46 -57.01 0.87 -6.90
C TYR B 46 -57.09 -0.44 -7.69
N GLU B 47 -58.33 -0.87 -7.94
CA GLU B 47 -58.61 -2.10 -8.67
C GLU B 47 -59.74 -1.89 -9.67
N MET B 48 -59.65 -2.59 -10.78
CA MET B 48 -60.75 -2.65 -11.72
C MET B 48 -60.82 -4.04 -12.34
N SER B 49 -62.03 -4.54 -12.52
CA SER B 49 -62.25 -5.89 -13.04
C SER B 49 -61.94 -5.93 -14.53
N LYS B 50 -62.42 -4.91 -15.24
CA LYS B 50 -62.21 -4.73 -16.66
C LYS B 50 -62.23 -3.22 -16.91
N VAL B 51 -61.28 -2.72 -17.70
CA VAL B 51 -61.26 -1.29 -18.01
C VAL B 51 -60.90 -1.07 -19.45
N THR B 52 -61.21 0.12 -19.95
CA THR B 52 -60.86 0.48 -21.31
C THR B 52 -59.73 1.50 -21.25
N PHE B 53 -58.78 1.37 -22.16
CA PHE B 53 -57.67 2.31 -22.18
C PHE B 53 -57.88 3.40 -23.22
N MET B 54 -57.42 4.59 -22.85
CA MET B 54 -57.49 5.79 -23.67
C MET B 54 -56.04 6.16 -23.95
N GLY B 55 -55.80 7.31 -24.58
CA GLY B 55 -54.47 7.68 -25.01
C GLY B 55 -54.37 7.30 -26.46
N PHE B 56 -55.47 6.70 -26.92
CA PHE B 56 -55.91 6.64 -28.31
C PHE B 56 -54.88 7.03 -29.37
N ARG B 57 -55.26 8.08 -30.09
CA ARG B 57 -54.44 8.74 -31.10
C ARG B 57 -53.46 9.71 -30.47
N GLU B 58 -53.79 10.18 -29.27
CA GLU B 58 -52.92 11.07 -28.52
C GLU B 58 -51.56 10.44 -28.27
N ASN B 59 -51.49 9.11 -28.36
CA ASN B 59 -50.23 8.40 -28.30
C ASN B 59 -49.59 8.48 -26.92
N LYS B 60 -50.29 9.14 -26.00
CA LYS B 60 -49.88 9.19 -24.60
C LYS B 60 -50.94 8.38 -23.86
N PRO B 61 -50.64 7.11 -23.58
CA PRO B 61 -51.66 6.23 -23.03
C PRO B 61 -52.00 6.54 -21.58
N TYR B 62 -53.24 6.29 -21.20
CA TYR B 62 -53.69 6.54 -19.84
C TYR B 62 -54.94 5.71 -19.54
N VAL B 63 -55.29 5.66 -18.27
CA VAL B 63 -56.51 4.95 -17.86
C VAL B 63 -57.38 5.86 -16.96
N SER B 64 -58.68 5.88 -17.21
CA SER B 64 -59.58 6.71 -16.40
C SER B 64 -59.90 6.06 -15.05
N VAL B 65 -59.68 6.81 -13.98
CA VAL B 65 -59.98 6.34 -12.65
C VAL B 65 -60.99 7.25 -11.94
N SER B 66 -61.92 6.64 -11.22
CA SER B 66 -63.03 7.36 -10.60
C SER B 66 -62.67 7.94 -9.24
N LEU B 67 -61.40 8.28 -9.06
CA LEU B 67 -60.98 8.89 -7.81
C LEU B 67 -60.51 10.32 -8.01
N PRO B 68 -60.67 11.16 -6.97
CA PRO B 68 -60.09 12.50 -6.94
C PRO B 68 -58.58 12.38 -6.94
N ILE B 69 -57.92 13.26 -7.68
CA ILE B 69 -56.48 13.19 -7.88
C ILE B 69 -55.68 13.03 -6.59
N ASP B 70 -56.24 13.52 -5.47
CA ASP B 70 -55.60 13.39 -4.16
C ASP B 70 -55.58 11.94 -3.65
N LYS B 71 -56.52 11.12 -4.13
CA LYS B 71 -56.63 9.71 -3.70
C LYS B 71 -55.55 8.83 -4.33
N LEU B 72 -54.85 9.35 -5.33
CA LEU B 72 -53.85 8.56 -6.05
C LEU B 72 -52.43 9.08 -5.94
N TYR B 73 -52.15 9.96 -4.99
CA TYR B 73 -50.84 10.62 -5.01
C TYR B 73 -49.70 9.60 -4.81
N SER B 74 -49.97 8.54 -4.05
CA SER B 74 -48.97 7.50 -3.80
C SER B 74 -48.77 6.51 -4.97
N ALA B 75 -49.60 6.59 -6.01
CA ALA B 75 -49.54 5.64 -7.14
C ALA B 75 -48.22 5.68 -7.90
N SER B 76 -47.65 4.51 -8.19
CA SER B 76 -46.36 4.45 -8.87
C SER B 76 -46.27 3.46 -10.04
N TYR B 77 -47.22 2.53 -10.15
CA TYR B 77 -47.07 1.41 -11.08
C TYR B 77 -48.43 0.78 -11.45
N ILE B 78 -48.49 0.13 -12.61
CA ILE B 78 -49.73 -0.55 -13.04
C ILE B 78 -49.45 -1.98 -13.53
N MET B 79 -50.36 -2.89 -13.21
CA MET B 79 -50.32 -4.24 -13.79
C MET B 79 -51.70 -4.68 -14.23
N PHE B 80 -51.76 -5.42 -15.33
CA PHE B 80 -53.03 -5.90 -15.86
C PHE B 80 -52.84 -7.09 -16.80
N GLN B 81 -53.93 -7.80 -17.09
CA GLN B 81 -53.90 -8.92 -18.02
C GLN B 81 -54.68 -8.58 -19.27
N ASN B 82 -54.42 -9.31 -20.34
CA ASN B 82 -55.21 -9.20 -21.56
C ASN B 82 -55.84 -10.52 -21.98
N ALA B 83 -57.13 -10.48 -22.35
CA ALA B 83 -57.84 -11.67 -22.81
C ALA B 83 -57.09 -12.42 -23.93
N ASP B 84 -56.30 -11.69 -24.72
CA ASP B 84 -55.63 -12.23 -25.89
C ASP B 84 -54.24 -12.75 -25.59
N TYR B 85 -53.75 -12.52 -24.37
CA TYR B 85 -52.42 -13.00 -24.04
C TYR B 85 -52.43 -13.95 -22.85
N GLY B 86 -53.55 -14.65 -22.65
CA GLY B 86 -53.59 -15.65 -21.59
C GLY B 86 -53.46 -15.03 -20.21
N ASN B 87 -52.77 -15.73 -19.33
CA ASN B 87 -52.56 -15.25 -17.97
C ASN B 87 -51.32 -14.36 -17.86
N LYS B 88 -50.92 -13.77 -19.00
CA LYS B 88 -49.73 -12.93 -19.00
C LYS B 88 -49.99 -11.58 -18.35
N TRP B 89 -49.03 -11.15 -17.55
CA TRP B 89 -49.15 -9.89 -16.85
C TRP B 89 -48.36 -8.81 -17.55
N PHE B 90 -48.96 -7.64 -17.67
CA PHE B 90 -48.29 -6.48 -18.24
C PHE B 90 -48.00 -5.48 -17.13
N TYR B 91 -46.79 -4.92 -17.14
CA TYR B 91 -46.37 -4.02 -16.08
C TYR B 91 -46.00 -2.63 -16.62
N ALA B 92 -46.29 -1.61 -15.84
CA ALA B 92 -46.08 -0.25 -16.31
C ALA B 92 -45.82 0.75 -15.19
N PHE B 93 -44.97 1.72 -15.49
CA PHE B 93 -44.72 2.86 -14.61
C PHE B 93 -45.93 3.81 -14.67
N VAL B 94 -46.29 4.40 -13.54
CA VAL B 94 -47.18 5.55 -13.57
C VAL B 94 -46.32 6.79 -13.76
N THR B 95 -46.60 7.57 -14.79
CA THR B 95 -45.74 8.70 -15.16
C THR B 95 -46.33 10.06 -14.80
N GLU B 96 -47.66 10.16 -14.83
CA GLU B 96 -48.33 11.43 -14.58
C GLU B 96 -49.81 11.30 -14.20
N LEU B 97 -50.24 12.09 -13.23
CA LEU B 97 -51.67 12.20 -12.90
C LEU B 97 -52.24 13.46 -13.52
N GLU B 98 -53.27 13.28 -14.34
CA GLU B 98 -53.92 14.40 -15.01
C GLU B 98 -55.32 14.63 -14.43
N PHE B 99 -55.59 15.84 -13.95
CA PHE B 99 -56.94 16.20 -13.49
C PHE B 99 -57.81 16.66 -14.66
N LYS B 100 -58.82 15.88 -15.01
CA LYS B 100 -59.74 16.30 -16.06
C LYS B 100 -61.06 16.68 -15.41
N ASN B 101 -61.58 15.77 -14.58
CA ASN B 101 -62.81 15.95 -13.83
C ASN B 101 -62.49 16.01 -12.35
N SER B 102 -63.43 16.47 -11.53
CA SER B 102 -63.25 16.51 -10.07
C SER B 102 -63.27 15.14 -9.39
N ALA B 103 -63.96 14.18 -9.99
CA ALA B 103 -64.10 12.85 -9.41
C ALA B 103 -63.48 11.78 -10.30
N VAL B 104 -62.73 12.22 -11.30
CA VAL B 104 -62.01 11.29 -12.17
C VAL B 104 -60.72 11.92 -12.65
N THR B 105 -59.61 11.27 -12.32
CA THR B 105 -58.32 11.69 -12.82
C THR B 105 -57.80 10.65 -13.83
N TYR B 106 -57.04 11.14 -14.81
CA TYR B 106 -56.44 10.28 -15.81
C TYR B 106 -55.03 9.83 -15.39
N VAL B 107 -54.84 8.52 -15.24
CA VAL B 107 -53.53 7.98 -14.85
C VAL B 107 -52.70 7.60 -16.07
N HIS B 108 -51.66 8.38 -16.34
CA HIS B 108 -50.75 8.11 -17.46
C HIS B 108 -49.73 7.02 -17.11
N PHE B 109 -49.47 6.13 -18.06
CA PHE B 109 -48.52 5.06 -17.82
C PHE B 109 -47.67 4.73 -19.05
N GLU B 110 -46.52 4.15 -18.76
CA GLU B 110 -45.55 3.77 -19.77
C GLU B 110 -45.16 2.34 -19.49
N ILE B 111 -45.33 1.46 -20.47
CA ILE B 111 -44.96 0.06 -20.34
C ILE B 111 -43.53 -0.12 -19.86
N ASP B 112 -43.36 -0.86 -18.76
CA ASP B 112 -42.05 -1.26 -18.28
C ASP B 112 -41.57 -2.47 -19.10
N VAL B 113 -40.65 -2.23 -20.04
CA VAL B 113 -40.25 -3.26 -20.98
C VAL B 113 -39.44 -4.38 -20.34
N LEU B 114 -38.64 -4.06 -19.32
CA LEU B 114 -37.92 -5.09 -18.60
C LEU B 114 -38.87 -6.03 -17.89
N GLN B 115 -39.77 -5.47 -17.08
CA GLN B 115 -40.68 -6.30 -16.33
C GLN B 115 -41.61 -7.09 -17.25
N THR B 116 -42.15 -6.42 -18.26
CA THR B 116 -43.13 -7.06 -19.12
C THR B 116 -42.54 -8.20 -19.95
N TRP B 117 -41.32 -8.01 -20.45
CA TRP B 117 -40.76 -8.96 -21.40
C TRP B 117 -39.61 -9.77 -20.79
N MET B 118 -39.52 -9.77 -19.46
CA MET B 118 -38.42 -10.40 -18.73
C MET B 118 -38.08 -11.84 -19.16
N PHE B 119 -39.11 -12.63 -19.45
CA PHE B 119 -38.94 -14.05 -19.75
C PHE B 119 -39.16 -14.37 -21.21
N ASP B 120 -39.09 -13.33 -22.04
CA ASP B 120 -39.27 -13.51 -23.47
C ASP B 120 -37.99 -13.16 -24.21
N ILE B 121 -37.00 -12.70 -23.47
CA ILE B 121 -35.77 -12.23 -24.06
C ILE B 121 -34.64 -13.22 -23.85
N LYS B 122 -33.87 -13.41 -24.90
CA LYS B 122 -32.72 -14.27 -24.82
C LYS B 122 -31.44 -13.46 -25.06
N PHE B 123 -30.55 -13.50 -24.09
CA PHE B 123 -29.24 -12.88 -24.22
C PHE B 123 -28.31 -13.77 -25.04
N GLN B 124 -27.65 -13.18 -26.01
CA GLN B 124 -26.64 -13.94 -26.75
C GLN B 124 -25.28 -13.32 -26.46
N GLU B 125 -24.22 -13.90 -26.98
CA GLU B 125 -22.88 -13.45 -26.63
C GLU B 125 -22.72 -11.96 -26.97
N SER B 126 -22.31 -11.21 -25.96
CA SER B 126 -22.22 -9.77 -26.04
C SER B 126 -20.92 -9.27 -25.41
N PHE B 127 -20.44 -8.12 -25.83
CA PHE B 127 -19.26 -7.54 -25.18
C PHE B 127 -19.63 -7.06 -23.78
N ILE B 128 -19.03 -7.70 -22.77
CA ILE B 128 -19.26 -7.33 -21.38
C ILE B 128 -18.20 -6.32 -20.90
N VAL B 129 -18.63 -5.11 -20.61
CA VAL B 129 -17.76 -4.11 -20.01
C VAL B 129 -17.56 -4.40 -18.51
N ARG B 130 -18.65 -4.47 -17.75
CA ARG B 130 -18.54 -4.85 -16.34
C ARG B 130 -19.58 -5.88 -15.96
N GLU B 131 -19.21 -6.76 -15.03
CA GLU B 131 -20.19 -7.65 -14.42
C GLU B 131 -19.59 -8.15 -13.12
N HIS B 132 -20.44 -8.76 -12.29
CA HIS B 132 -19.99 -9.38 -11.05
C HIS B 132 -19.57 -10.82 -11.34
N VAL B 133 -18.34 -11.19 -10.96
CA VAL B 133 -17.84 -12.54 -11.25
C VAL B 133 -17.59 -13.34 -9.96
N LYS B 134 -17.32 -14.63 -10.14
CA LYS B 134 -16.97 -15.54 -9.05
C LYS B 134 -15.68 -15.06 -8.38
N LEU B 135 -15.71 -14.92 -7.06
CA LEU B 135 -14.59 -14.33 -6.35
C LEU B 135 -13.59 -15.36 -5.82
N TRP B 136 -14.11 -16.46 -5.27
CA TRP B 136 -13.29 -17.47 -4.59
C TRP B 136 -13.51 -18.88 -5.10
N ASN B 137 -12.41 -19.55 -5.37
CA ASN B 137 -12.44 -20.97 -5.67
C ASN B 137 -12.92 -21.78 -4.46
N ASP B 138 -13.30 -23.01 -4.73
CA ASP B 138 -13.81 -23.91 -3.71
C ASP B 138 -12.80 -24.06 -2.56
N ASP B 139 -11.50 -24.08 -2.90
CA ASP B 139 -10.44 -24.24 -1.91
C ASP B 139 -10.01 -22.97 -1.18
N GLY B 140 -10.73 -21.86 -1.37
CA GLY B 140 -10.40 -20.62 -0.69
C GLY B 140 -9.39 -19.72 -1.40
N THR B 141 -8.93 -20.11 -2.57
CA THR B 141 -7.98 -19.27 -3.30
C THR B 141 -8.72 -18.28 -4.17
N PRO B 142 -8.09 -17.13 -4.45
CA PRO B 142 -8.76 -16.16 -5.31
C PRO B 142 -8.82 -16.62 -6.74
N THR B 143 -9.88 -16.24 -7.46
CA THR B 143 -9.92 -16.41 -8.89
C THR B 143 -9.01 -15.38 -9.53
N ILE B 144 -8.62 -15.60 -10.76
CA ILE B 144 -7.69 -14.70 -11.39
C ILE B 144 -8.46 -13.72 -12.26
N ASN B 145 -8.46 -12.46 -11.85
CA ASN B 145 -9.05 -11.37 -12.62
C ASN B 145 -8.11 -10.18 -12.64
N THR B 146 -7.52 -9.92 -13.80
CA THR B 146 -6.42 -8.98 -13.84
C THR B 146 -6.57 -7.89 -14.89
N ILE B 147 -7.77 -7.77 -15.46
CA ILE B 147 -8.04 -6.71 -16.43
C ILE B 147 -7.79 -5.34 -15.81
N ASP B 148 -6.97 -4.54 -16.48
CA ASP B 148 -6.54 -3.25 -15.95
C ASP B 148 -7.75 -2.37 -15.67
N GLU B 149 -7.96 -2.06 -14.39
CA GLU B 149 -9.09 -1.26 -13.97
C GLU B 149 -8.87 0.24 -14.18
N GLY B 150 -7.60 0.62 -14.37
CA GLY B 150 -7.24 2.03 -14.54
C GLY B 150 -7.61 2.95 -13.36
N LEU B 151 -7.74 2.37 -12.17
CA LEU B 151 -8.01 3.15 -10.96
C LEU B 151 -6.78 3.22 -10.08
N SER B 152 -6.48 4.39 -9.53
CA SER B 152 -5.29 4.51 -8.71
C SER B 152 -5.32 3.59 -7.49
N TYR B 153 -4.19 2.95 -7.23
CA TYR B 153 -4.04 2.14 -6.01
C TYR B 153 -2.99 2.75 -5.07
N GLY B 154 -2.74 4.04 -5.20
CA GLY B 154 -1.78 4.73 -4.34
C GLY B 154 -0.33 4.66 -4.81
N SER B 155 0.56 5.26 -4.04
CA SER B 155 1.95 5.38 -4.48
C SER B 155 2.92 4.48 -3.71
N GLU B 156 2.48 3.90 -2.61
CA GLU B 156 3.35 3.02 -1.80
C GLU B 156 2.59 1.79 -1.40
N TYR B 157 3.32 0.73 -1.06
CA TYR B 157 2.74 -0.46 -0.44
C TYR B 157 3.00 -0.51 1.09
N ASP B 158 2.13 -1.21 1.81
CA ASP B 158 2.44 -1.67 3.16
C ASP B 158 3.25 -2.94 3.10
N ILE B 159 4.30 -3.02 3.90
CA ILE B 159 4.96 -4.31 4.08
C ILE B 159 4.19 -5.10 5.13
N VAL B 160 3.66 -6.23 4.71
CA VAL B 160 2.73 -6.91 5.58
C VAL B 160 3.25 -8.26 6.11
N SER B 161 4.33 -8.78 5.51
CA SER B 161 4.93 -10.05 5.94
C SER B 161 6.40 -10.14 5.55
N VAL B 162 7.23 -10.58 6.49
CA VAL B 162 8.68 -10.69 6.29
C VAL B 162 9.16 -12.05 6.74
N GLU B 163 9.80 -12.79 5.84
CA GLU B 163 10.38 -14.06 6.24
C GLU B 163 11.74 -14.25 5.58
N ASN B 164 12.58 -15.02 6.28
CA ASN B 164 13.93 -15.29 5.88
C ASN B 164 14.16 -16.80 5.82
N HIS B 165 14.83 -17.28 4.78
CA HIS B 165 15.15 -18.70 4.69
C HIS B 165 16.58 -18.85 4.24
N LYS B 166 17.35 -19.62 5.01
CA LYS B 166 18.72 -19.93 4.64
C LYS B 166 18.81 -21.41 4.31
N PRO B 167 19.49 -21.73 3.19
CA PRO B 167 19.69 -23.11 2.69
C PRO B 167 20.14 -24.06 3.76
N TYR B 168 21.20 -23.74 4.51
CA TYR B 168 21.65 -24.62 5.60
C TYR B 168 21.33 -24.08 6.99
N ASP B 169 20.28 -23.27 7.08
CA ASP B 169 19.89 -22.69 8.35
C ASP B 169 21.01 -21.92 9.05
N ASP B 170 21.43 -22.35 10.24
CA ASP B 170 22.42 -21.58 10.98
C ASP B 170 23.82 -21.75 10.44
N MET B 171 24.04 -22.76 9.60
CA MET B 171 25.38 -23.07 9.13
C MET B 171 25.79 -22.35 7.85
N MET B 172 27.02 -21.83 7.87
CA MET B 172 27.62 -21.17 6.71
C MET B 172 28.90 -21.93 6.32
N PHE B 173 29.40 -21.72 5.11
CA PHE B 173 30.68 -22.34 4.75
C PHE B 173 31.75 -21.31 4.43
N LEU B 174 32.94 -21.54 4.96
CA LEU B 174 34.11 -20.78 4.52
C LEU B 174 34.76 -21.62 3.46
N VAL B 175 35.15 -20.99 2.35
CA VAL B 175 35.80 -21.68 1.25
C VAL B 175 37.20 -21.10 1.05
N ILE B 176 38.20 -21.97 1.00
CA ILE B 176 39.59 -21.57 0.79
C ILE B 176 40.14 -22.27 -0.43
N ILE B 177 40.71 -21.49 -1.34
CA ILE B 177 41.23 -22.02 -2.60
C ILE B 177 42.73 -21.88 -2.67
N SER B 178 43.43 -22.97 -2.99
CA SER B 178 44.87 -22.87 -3.17
C SER B 178 45.32 -23.55 -4.44
N LYS B 179 46.52 -23.18 -4.85
CA LYS B 179 47.14 -23.66 -6.07
C LYS B 179 47.55 -25.12 -5.92
N SER B 180 47.79 -25.55 -4.69
CA SER B 180 48.23 -26.91 -4.48
C SER B 180 47.84 -27.49 -3.11
N ILE B 181 48.13 -28.77 -2.92
CA ILE B 181 47.68 -29.46 -1.73
C ILE B 181 48.40 -29.03 -0.45
N MET B 182 47.59 -28.70 0.57
CA MET B 182 48.09 -28.15 1.82
C MET B 182 47.96 -29.09 3.00
N HIS B 183 47.41 -30.28 2.78
CA HIS B 183 46.99 -31.10 3.90
C HIS B 183 47.53 -32.52 3.92
N GLY B 184 47.46 -33.12 5.10
CA GLY B 184 47.67 -34.54 5.25
C GLY B 184 46.31 -35.15 5.52
N THR B 185 46.18 -36.44 5.23
CA THR B 185 44.94 -37.15 5.49
C THR B 185 45.29 -38.35 6.35
N PRO B 186 44.34 -38.80 7.19
CA PRO B 186 44.57 -40.01 7.97
C PRO B 186 44.85 -41.21 7.06
N GLY B 187 45.90 -41.96 7.41
CA GLY B 187 46.36 -43.08 6.62
C GLY B 187 47.16 -42.70 5.39
N GLU B 188 48.22 -41.92 5.61
CA GLU B 188 49.24 -41.69 4.60
C GLU B 188 50.49 -42.38 5.14
N GLU B 189 51.25 -43.15 4.36
CA GLU B 189 51.35 -43.12 2.89
C GLU B 189 52.38 -42.04 2.61
N GLU B 190 52.47 -41.57 1.37
CA GLU B 190 53.46 -40.55 1.08
C GLU B 190 52.85 -39.17 1.26
N SER B 191 53.73 -38.19 1.52
CA SER B 191 53.35 -36.79 1.64
C SER B 191 52.88 -36.25 0.29
N ARG B 192 51.82 -35.46 0.28
CA ARG B 192 51.34 -34.90 -0.98
C ARG B 192 51.44 -33.39 -0.96
N LEU B 193 52.13 -32.85 0.04
CA LEU B 193 52.21 -31.39 0.21
C LEU B 193 52.80 -30.72 -1.03
N ASN B 194 52.09 -29.71 -1.53
CA ASN B 194 52.49 -28.94 -2.71
C ASN B 194 52.27 -29.67 -4.04
N ASP B 195 51.57 -30.80 -4.01
CA ASP B 195 51.19 -31.45 -5.25
C ASP B 195 50.03 -30.68 -5.88
N ILE B 196 50.07 -30.57 -7.20
CA ILE B 196 48.94 -30.08 -7.98
C ILE B 196 47.82 -31.12 -7.93
N ASN B 197 46.60 -30.69 -7.75
CA ASN B 197 45.48 -31.63 -7.75
C ASN B 197 44.29 -31.03 -8.48
N ALA B 198 44.06 -31.49 -9.69
CA ALA B 198 42.88 -31.11 -10.46
C ALA B 198 41.70 -31.99 -10.07
N SER B 199 40.50 -31.47 -10.24
CA SER B 199 39.31 -32.25 -9.93
C SER B 199 38.09 -31.74 -10.65
N LEU B 200 37.06 -32.59 -10.68
CA LEU B 200 35.75 -32.19 -11.12
C LEU B 200 35.07 -31.43 -9.99
N ASN B 201 34.85 -30.14 -10.22
CA ASN B 201 34.14 -29.29 -9.30
C ASN B 201 33.26 -28.37 -10.11
N GLY B 202 32.07 -28.86 -10.47
CA GLY B 202 31.20 -28.19 -11.42
C GLY B 202 31.63 -28.60 -12.82
N MET B 203 32.93 -28.53 -13.05
CA MET B 203 33.59 -28.88 -14.30
C MET B 203 35.00 -29.25 -13.89
N PRO B 204 35.81 -29.74 -14.84
CA PRO B 204 37.25 -30.01 -14.63
C PRO B 204 38.02 -28.72 -14.37
N GLN B 205 38.91 -28.71 -13.38
CA GLN B 205 39.56 -27.49 -12.96
C GLN B 205 40.75 -27.86 -12.11
N PRO B 206 41.78 -27.00 -12.06
CA PRO B 206 43.07 -27.38 -11.48
C PRO B 206 43.34 -26.90 -10.03
N LEU B 207 42.40 -26.20 -9.41
CA LEU B 207 42.65 -25.71 -8.05
C LEU B 207 42.26 -26.68 -6.94
N CYS B 208 42.80 -26.45 -5.76
CA CYS B 208 42.44 -27.23 -4.57
C CYS B 208 41.46 -26.43 -3.73
N TYR B 209 40.36 -27.05 -3.36
CA TYR B 209 39.34 -26.42 -2.53
C TYR B 209 39.26 -27.00 -1.12
N TYR B 210 39.23 -26.12 -0.13
CA TYR B 210 38.95 -26.51 1.25
C TYR B 210 37.67 -25.79 1.69
N ILE B 211 36.83 -26.47 2.45
CA ILE B 211 35.65 -25.83 2.99
C ILE B 211 35.58 -26.12 4.46
N HIS B 212 34.87 -25.27 5.16
CA HIS B 212 34.83 -25.37 6.61
C HIS B 212 33.52 -24.78 7.09
N PRO B 213 32.65 -25.62 7.64
CA PRO B 213 31.33 -25.15 8.06
C PRO B 213 31.46 -24.40 9.39
N PHE B 214 30.63 -23.40 9.63
CA PHE B 214 30.72 -22.69 10.91
C PHE B 214 29.42 -21.97 11.26
N TYR B 215 29.31 -21.61 12.53
CA TYR B 215 28.20 -20.83 13.07
C TYR B 215 28.71 -19.46 13.48
N LYS B 216 27.82 -18.49 13.61
CA LYS B 216 28.26 -17.12 13.87
C LYS B 216 28.99 -16.92 15.22
N ASP B 217 28.86 -17.85 16.16
CA ASP B 217 29.59 -17.76 17.43
C ASP B 217 30.99 -18.41 17.34
N GLY B 218 31.33 -18.94 16.17
CA GLY B 218 32.64 -19.48 15.92
C GLY B 218 32.76 -20.98 16.11
N LYS B 219 31.72 -21.60 16.66
CA LYS B 219 31.68 -23.04 16.80
C LYS B 219 31.47 -23.67 15.44
N VAL B 220 31.61 -24.98 15.38
CA VAL B 220 31.47 -25.74 14.14
C VAL B 220 30.66 -27.03 14.41
N PRO B 221 29.88 -27.47 13.41
CA PRO B 221 29.05 -28.66 13.63
C PRO B 221 29.90 -29.92 13.77
N LYS B 222 29.47 -30.86 14.61
CA LYS B 222 30.08 -32.19 14.65
C LYS B 222 29.98 -32.73 13.24
N THR B 223 31.12 -32.98 12.61
CA THR B 223 31.11 -33.39 11.22
C THR B 223 31.68 -34.76 10.99
N TYR B 224 30.93 -35.58 10.26
CA TYR B 224 31.39 -36.91 9.84
C TYR B 224 31.68 -36.94 8.36
N ILE B 225 32.75 -37.64 7.99
CA ILE B 225 33.04 -37.93 6.60
C ILE B 225 33.07 -39.44 6.45
N GLY B 226 32.04 -40.00 5.83
CA GLY B 226 31.87 -41.43 5.89
C GLY B 226 31.56 -41.78 7.34
N ASP B 227 32.17 -42.85 7.84
CA ASP B 227 31.94 -43.27 9.22
C ASP B 227 32.83 -42.51 10.21
N ASN B 228 33.71 -41.66 9.72
CA ASN B 228 34.75 -41.09 10.58
C ASN B 228 34.51 -39.65 11.00
N ASN B 229 34.68 -39.39 12.28
CA ASN B 229 34.60 -38.04 12.80
C ASN B 229 35.72 -37.17 12.21
N ALA B 230 35.35 -36.02 11.69
CA ALA B 230 36.33 -35.14 11.06
C ALA B 230 37.09 -34.30 12.08
N ASN B 231 36.57 -34.24 13.29
CA ASN B 231 37.23 -33.52 14.38
C ASN B 231 37.58 -32.10 14.03
N LEU B 232 36.64 -31.38 13.42
CA LEU B 232 36.90 -30.03 12.93
C LEU B 232 37.42 -29.09 14.01
N SER B 233 38.48 -28.35 13.65
CA SER B 233 38.95 -27.22 14.45
C SER B 233 37.92 -26.07 14.40
N PRO B 234 37.88 -25.23 15.43
CA PRO B 234 37.03 -24.03 15.30
C PRO B 234 37.51 -23.10 14.17
N ILE B 235 36.57 -22.39 13.55
CA ILE B 235 36.88 -21.66 12.34
C ILE B 235 38.01 -20.65 12.54
N VAL B 236 37.98 -19.94 13.67
CA VAL B 236 38.99 -18.93 13.94
C VAL B 236 40.37 -19.58 13.99
N ASN B 237 40.51 -20.66 14.75
CA ASN B 237 41.78 -21.37 14.85
C ASN B 237 42.30 -21.83 13.49
N MET B 238 41.39 -22.33 12.69
CA MET B 238 41.73 -22.77 11.36
C MET B 238 42.32 -21.61 10.56
N LEU B 239 41.65 -20.46 10.56
CA LEU B 239 42.18 -19.28 9.86
C LEU B 239 43.56 -18.86 10.36
N THR B 240 43.71 -18.74 11.67
CA THR B 240 44.99 -18.36 12.23
C THR B 240 46.07 -19.31 11.72
N ASN B 241 45.73 -20.58 11.61
CA ASN B 241 46.71 -21.61 11.32
C ASN B 241 47.12 -21.61 9.83
N ILE B 242 46.12 -21.53 8.96
CA ILE B 242 46.40 -21.56 7.53
C ILE B 242 47.27 -20.39 7.12
N PHE B 243 46.99 -19.22 7.69
CA PHE B 243 47.71 -18.02 7.29
C PHE B 243 49.00 -17.82 8.06
N SER B 244 49.32 -18.74 8.96
CA SER B 244 50.57 -18.57 9.71
C SER B 244 51.74 -19.21 9.02
N GLN B 245 51.47 -20.08 8.06
CA GLN B 245 52.53 -20.77 7.36
C GLN B 245 52.83 -20.18 5.99
N LYS B 246 54.07 -19.70 5.82
CA LYS B 246 54.49 -19.14 4.53
C LYS B 246 54.54 -20.27 3.51
N SER B 247 54.62 -21.49 4.01
CA SER B 247 54.64 -22.72 3.22
C SER B 247 53.28 -23.44 3.07
N ALA B 248 52.27 -22.82 2.46
CA ALA B 248 52.39 -21.50 1.87
C ALA B 248 51.08 -20.70 1.84
N VAL B 249 51.18 -19.43 2.21
CA VAL B 249 50.06 -18.50 2.09
C VAL B 249 50.08 -17.99 0.67
N ASN B 250 51.19 -18.25 -0.01
CA ASN B 250 51.40 -17.87 -1.40
C ASN B 250 50.65 -18.80 -2.36
N ASP B 251 50.31 -20.00 -1.88
CA ASP B 251 49.48 -20.93 -2.63
C ASP B 251 48.02 -20.53 -2.59
N ILE B 252 47.66 -19.74 -1.59
CA ILE B 252 46.25 -19.42 -1.39
C ILE B 252 45.80 -18.34 -2.36
N VAL B 253 44.75 -18.67 -3.09
CA VAL B 253 44.32 -17.86 -4.22
C VAL B 253 43.13 -16.98 -3.85
N ASN B 254 42.20 -17.53 -3.08
CA ASN B 254 41.07 -16.74 -2.63
C ASN B 254 40.40 -17.39 -1.44
N MET B 255 39.54 -16.61 -0.78
CA MET B 255 38.82 -17.08 0.38
C MET B 255 37.51 -16.33 0.40
N TYR B 256 36.41 -17.04 0.65
CA TYR B 256 35.12 -16.39 0.72
C TYR B 256 34.15 -17.20 1.54
N VAL B 257 32.97 -16.65 1.79
CA VAL B 257 31.94 -17.40 2.50
C VAL B 257 30.69 -17.49 1.61
N THR B 258 29.93 -18.57 1.76
CA THR B 258 28.75 -18.79 0.94
C THR B 258 27.65 -19.53 1.73
N ASP B 259 26.39 -19.32 1.34
CA ASP B 259 25.25 -19.93 2.02
C ASP B 259 24.94 -21.31 1.45
N TYR B 260 25.56 -21.64 0.33
CA TYR B 260 25.18 -22.82 -0.41
C TYR B 260 26.28 -23.22 -1.37
N ILE B 261 26.77 -24.46 -1.28
CA ILE B 261 27.89 -24.89 -2.09
C ILE B 261 27.48 -25.76 -3.27
N GLY B 262 26.19 -25.84 -3.56
CA GLY B 262 25.74 -26.62 -4.72
C GLY B 262 25.32 -28.05 -4.40
N LEU B 263 25.24 -28.36 -3.11
CA LEU B 263 24.83 -29.68 -2.68
C LEU B 263 23.79 -29.62 -1.59
N LYS B 264 22.80 -30.50 -1.67
CA LYS B 264 21.98 -30.83 -0.51
C LYS B 264 22.86 -31.65 0.42
N LEU B 265 22.98 -31.25 1.67
CA LEU B 265 23.82 -32.01 2.59
C LEU B 265 23.02 -32.77 3.64
N ASP B 266 23.57 -33.87 4.13
CA ASP B 266 22.96 -34.56 5.25
C ASP B 266 23.26 -33.73 6.50
N TYR B 267 22.39 -32.76 6.77
CA TYR B 267 22.65 -31.79 7.83
C TYR B 267 21.51 -31.65 8.83
N LYS B 268 21.83 -31.82 10.11
CA LYS B 268 20.84 -31.62 11.16
C LYS B 268 21.13 -30.36 11.98
N ASN B 269 20.38 -29.29 11.71
CA ASN B 269 20.64 -27.98 12.30
C ASN B 269 20.44 -27.95 13.82
N GLY B 270 19.36 -28.55 14.31
CA GLY B 270 19.14 -28.65 15.75
C GLY B 270 20.25 -29.37 16.52
N ASP B 271 20.63 -30.56 16.07
CA ASP B 271 21.72 -31.32 16.69
C ASP B 271 23.11 -30.78 16.33
N LYS B 272 23.16 -29.80 15.44
CA LYS B 272 24.42 -29.30 14.89
C LYS B 272 25.34 -30.44 14.38
N GLU B 273 24.83 -31.18 13.41
CA GLU B 273 25.53 -32.38 12.97
C GLU B 273 25.47 -32.53 11.44
N LEU B 274 26.66 -32.64 10.84
CA LEU B 274 26.83 -32.70 9.39
C LEU B 274 27.47 -34.02 8.98
N LYS B 275 26.85 -34.73 8.05
CA LYS B 275 27.43 -35.98 7.53
C LYS B 275 27.75 -35.82 6.04
N LEU B 276 29.03 -35.98 5.69
CA LEU B 276 29.50 -35.79 4.31
C LEU B 276 29.88 -37.11 3.64
N ASP B 277 29.64 -37.18 2.34
CA ASP B 277 29.98 -38.33 1.51
C ASP B 277 31.50 -38.45 1.32
N LYS B 278 32.06 -39.61 1.67
CA LYS B 278 33.50 -39.82 1.60
C LYS B 278 34.01 -39.88 0.16
N ASP B 279 33.11 -40.02 -0.80
CA ASP B 279 33.56 -40.04 -2.18
C ASP B 279 33.82 -38.63 -2.69
N MET B 280 33.22 -37.62 -2.05
CA MET B 280 33.39 -36.21 -2.45
C MET B 280 34.31 -35.38 -1.54
N PHE B 281 34.43 -35.78 -0.29
CA PHE B 281 35.23 -34.99 0.64
C PHE B 281 36.19 -35.87 1.39
N GLU B 282 37.18 -35.26 2.04
CA GLU B 282 38.04 -36.02 2.95
C GLU B 282 38.65 -35.16 4.04
N GLN B 283 39.02 -35.82 5.13
CA GLN B 283 39.65 -35.21 6.28
C GLN B 283 40.96 -34.53 5.90
N ALA B 284 41.12 -33.30 6.35
CA ALA B 284 42.29 -32.54 5.99
C ALA B 284 43.02 -32.03 7.25
N GLY B 285 44.21 -32.55 7.49
CA GLY B 285 45.03 -32.07 8.58
C GLY B 285 46.05 -31.09 8.04
N ILE B 286 46.05 -29.89 8.59
CA ILE B 286 46.99 -28.85 8.20
C ILE B 286 47.87 -28.46 9.38
N ALA B 287 49.17 -28.67 9.23
CA ALA B 287 50.10 -28.58 10.34
C ALA B 287 50.97 -27.34 10.23
N ASP B 288 51.36 -26.79 11.37
CA ASP B 288 52.06 -25.52 11.42
C ASP B 288 53.43 -25.56 12.09
N ASP B 289 53.53 -26.34 13.16
CA ASP B 289 54.74 -26.39 13.98
C ASP B 289 55.00 -25.06 14.69
N LYS B 290 53.99 -24.20 14.71
CA LYS B 290 53.98 -23.00 15.53
C LYS B 290 52.68 -22.97 16.32
N HIS B 291 51.59 -23.23 15.61
CA HIS B 291 50.26 -23.30 16.20
C HIS B 291 49.72 -24.73 16.16
N GLY B 292 50.51 -25.70 15.71
CA GLY B 292 50.01 -27.06 15.65
C GLY B 292 48.97 -27.36 14.57
N ASN B 293 48.52 -28.60 14.54
CA ASN B 293 47.59 -29.05 13.52
C ASN B 293 46.13 -28.56 13.68
N VAL B 294 45.49 -28.24 12.56
CA VAL B 294 44.07 -27.93 12.53
C VAL B 294 43.38 -28.90 11.58
N ASP B 295 42.13 -29.22 11.87
CA ASP B 295 41.38 -30.12 11.02
C ASP B 295 40.25 -29.43 10.29
N THR B 296 40.26 -29.59 8.98
CA THR B 296 39.29 -29.00 8.08
C THR B 296 38.91 -30.02 7.02
N ILE B 297 38.33 -29.56 5.92
CA ILE B 297 37.80 -30.46 4.91
C ILE B 297 38.33 -30.17 3.52
N PHE B 298 38.75 -31.22 2.83
CA PHE B 298 39.23 -31.11 1.46
C PHE B 298 38.18 -31.62 0.51
N VAL B 299 37.95 -30.88 -0.56
CA VAL B 299 36.96 -31.30 -1.55
C VAL B 299 37.66 -32.18 -2.59
N LYS B 300 37.32 -33.47 -2.60
CA LYS B 300 37.90 -34.40 -3.56
C LYS B 300 37.32 -34.16 -4.94
N LYS B 301 35.99 -34.06 -4.99
CA LYS B 301 35.31 -33.80 -6.26
C LYS B 301 33.83 -33.52 -6.03
N ILE B 302 33.30 -32.63 -6.85
CA ILE B 302 31.88 -32.39 -6.95
C ILE B 302 31.52 -32.30 -8.43
N PRO B 303 31.20 -33.44 -9.06
CA PRO B 303 30.88 -33.55 -10.48
C PRO B 303 29.71 -32.67 -10.89
N ASP B 304 28.63 -32.72 -10.11
CA ASP B 304 27.41 -31.97 -10.38
C ASP B 304 26.90 -31.22 -9.17
N TYR B 305 26.39 -30.02 -9.42
CA TYR B 305 25.66 -29.29 -8.41
C TYR B 305 24.18 -29.68 -8.48
N GLU B 306 23.44 -29.45 -7.40
CA GLU B 306 22.05 -29.84 -7.40
C GLU B 306 21.26 -28.76 -6.70
N ALA B 307 19.96 -28.69 -6.97
CA ALA B 307 19.08 -27.68 -6.40
C ALA B 307 18.47 -28.12 -5.08
N LEU B 308 18.33 -27.18 -4.15
CA LEU B 308 17.67 -27.44 -2.87
C LEU B 308 16.33 -26.70 -2.83
N GLU B 309 15.27 -27.37 -2.40
CA GLU B 309 13.97 -26.70 -2.34
C GLU B 309 13.60 -26.25 -0.93
N ILE B 310 13.16 -25.00 -0.85
CA ILE B 310 12.65 -24.39 0.37
C ILE B 310 11.14 -24.15 0.23
N ASP B 311 10.35 -24.85 1.05
CA ASP B 311 8.91 -24.70 1.03
C ASP B 311 8.46 -23.63 2.01
N THR B 312 7.98 -22.51 1.52
CA THR B 312 7.57 -21.43 2.42
C THR B 312 6.09 -21.49 2.78
N GLY B 313 5.38 -22.50 2.27
CA GLY B 313 3.97 -22.66 2.53
C GLY B 313 3.05 -21.90 1.57
N ASP B 314 1.76 -21.88 1.92
CA ASP B 314 0.69 -21.24 1.15
C ASP B 314 1.11 -19.87 0.59
N LYS B 315 1.07 -19.72 -0.73
CA LYS B 315 1.58 -18.50 -1.35
C LYS B 315 0.74 -17.27 -0.98
N TRP B 316 -0.50 -17.48 -0.55
CA TRP B 316 -1.32 -16.36 -0.11
C TRP B 316 -1.16 -16.04 1.39
N GLY B 317 -0.38 -16.85 2.10
CA GLY B 317 -0.14 -16.61 3.52
C GLY B 317 0.49 -15.23 3.73
N GLY B 318 0.03 -14.54 4.77
CA GLY B 318 0.57 -13.23 5.10
C GLY B 318 -0.23 -12.04 4.58
N PHE B 319 -0.79 -12.18 3.38
CA PHE B 319 -1.66 -11.13 2.87
C PHE B 319 -2.94 -11.11 3.68
N THR B 320 -3.52 -9.93 3.87
CA THR B 320 -4.83 -9.92 4.47
C THR B 320 -5.81 -10.10 3.31
N LYS B 321 -6.71 -11.05 3.44
CA LYS B 321 -7.65 -11.34 2.37
C LYS B 321 -8.80 -10.37 2.42
N ASP B 322 -9.00 -9.63 1.33
CA ASP B 322 -10.16 -8.74 1.24
C ASP B 322 -11.30 -9.55 0.66
N GLN B 323 -12.52 -9.07 0.88
CA GLN B 323 -13.70 -9.66 0.31
C GLN B 323 -13.68 -9.66 -1.22
N GLU B 324 -13.16 -8.58 -1.80
CA GLU B 324 -12.97 -8.49 -3.25
C GLU B 324 -11.65 -9.15 -3.65
N SER B 325 -11.72 -10.35 -4.23
CA SER B 325 -10.54 -11.13 -4.49
C SER B 325 -9.59 -10.45 -5.48
N LYS B 326 -10.12 -9.57 -6.34
CA LYS B 326 -9.24 -8.90 -7.30
C LYS B 326 -8.19 -8.04 -6.56
N LEU B 327 -8.46 -7.67 -5.32
CA LEU B 327 -7.47 -6.93 -4.55
C LEU B 327 -6.27 -7.78 -4.12
N MET B 328 -6.30 -9.08 -4.41
CA MET B 328 -5.17 -9.99 -4.21
C MET B 328 -4.24 -10.03 -5.43
N MET B 329 -4.71 -9.54 -6.58
CA MET B 329 -3.88 -9.53 -7.79
C MET B 329 -2.88 -8.40 -7.82
N TYR B 330 -1.87 -8.57 -8.64
CA TYR B 330 -1.01 -7.47 -9.03
C TYR B 330 -1.85 -6.50 -9.85
N PRO B 331 -1.69 -5.19 -9.62
CA PRO B 331 -0.64 -4.53 -8.83
C PRO B 331 -1.07 -4.20 -7.40
N TYR B 332 -2.22 -4.70 -6.97
CA TYR B 332 -2.69 -4.38 -5.63
C TYR B 332 -1.91 -5.12 -4.55
N CYS B 333 -1.47 -6.33 -4.88
CA CYS B 333 -0.58 -7.12 -4.05
C CYS B 333 0.62 -7.51 -4.85
N VAL B 334 1.75 -7.71 -4.18
CA VAL B 334 2.93 -8.26 -4.83
C VAL B 334 3.77 -9.03 -3.83
N THR B 335 4.41 -10.10 -4.31
CA THR B 335 5.38 -10.85 -3.54
C THR B 335 6.79 -10.52 -3.97
N GLU B 336 7.59 -10.01 -3.06
CA GLU B 336 8.95 -9.67 -3.41
C GLU B 336 9.92 -10.68 -2.83
N ILE B 337 10.88 -11.04 -3.65
CA ILE B 337 11.96 -11.90 -3.24
C ILE B 337 13.27 -11.10 -3.37
N THR B 338 14.02 -11.05 -2.29
CA THR B 338 15.22 -10.24 -2.28
C THR B 338 16.25 -10.87 -1.37
N ASP B 339 17.51 -10.53 -1.60
CA ASP B 339 18.57 -10.96 -0.71
C ASP B 339 19.09 -9.76 0.07
N PHE B 340 18.48 -8.60 -0.15
CA PHE B 340 18.91 -7.34 0.48
C PHE B 340 20.36 -7.02 0.19
N LYS B 341 20.86 -7.55 -0.92
CA LYS B 341 22.21 -7.28 -1.33
C LYS B 341 22.23 -6.80 -2.78
N GLY B 342 21.16 -6.14 -3.20
CA GLY B 342 21.09 -5.54 -4.52
C GLY B 342 20.25 -6.33 -5.50
N ASN B 343 19.79 -7.50 -5.11
CA ASN B 343 18.98 -8.34 -6.00
C ASN B 343 17.58 -8.55 -5.50
N HIS B 344 16.62 -8.30 -6.36
CA HIS B 344 15.24 -8.48 -5.99
C HIS B 344 14.36 -8.68 -7.20
N MET B 345 13.17 -9.19 -6.95
CA MET B 345 12.31 -9.58 -8.02
C MET B 345 10.88 -9.52 -7.52
N ASN B 346 10.06 -8.77 -8.21
CA ASN B 346 8.67 -8.68 -7.85
C ASN B 346 7.88 -9.76 -8.57
N LEU B 347 7.18 -10.57 -7.80
CA LEU B 347 6.38 -11.64 -8.34
C LEU B 347 4.91 -11.28 -8.27
N LYS B 348 4.22 -11.55 -9.36
CA LYS B 348 2.78 -11.47 -9.35
C LYS B 348 2.29 -12.81 -8.83
N THR B 349 1.89 -12.81 -7.55
CA THR B 349 1.54 -14.02 -6.80
C THR B 349 0.60 -14.96 -7.56
N GLU B 350 -0.37 -14.39 -8.26
CA GLU B 350 -1.35 -15.21 -8.99
C GLU B 350 -0.72 -16.05 -10.09
N TYR B 351 0.46 -15.65 -10.55
CA TYR B 351 1.06 -16.33 -11.71
C TYR B 351 2.07 -17.39 -11.26
N ILE B 352 2.14 -17.61 -9.95
CA ILE B 352 2.90 -18.72 -9.42
C ILE B 352 2.06 -19.98 -9.53
N ASN B 353 2.40 -20.85 -10.46
CA ASN B 353 1.55 -21.99 -10.74
C ASN B 353 1.75 -23.09 -9.73
N ASN B 354 1.22 -22.84 -8.53
CA ASN B 354 1.33 -23.77 -7.43
C ASN B 354 0.57 -23.15 -6.27
N SER B 355 0.04 -23.96 -5.37
CA SER B 355 -0.69 -23.41 -4.25
C SER B 355 0.30 -22.90 -3.21
N LYS B 356 1.53 -23.41 -3.28
CA LYS B 356 2.56 -23.01 -2.33
C LYS B 356 3.61 -22.17 -3.01
N LEU B 357 4.30 -21.35 -2.23
CA LEU B 357 5.46 -20.63 -2.72
C LEU B 357 6.72 -21.43 -2.39
N LYS B 358 7.31 -22.02 -3.41
CA LYS B 358 8.49 -22.85 -3.25
C LYS B 358 9.65 -22.20 -3.98
N ILE B 359 10.78 -22.13 -3.30
CA ILE B 359 11.99 -21.50 -3.81
C ILE B 359 13.08 -22.55 -4.02
N GLN B 360 13.71 -22.55 -5.19
CA GLN B 360 14.79 -23.49 -5.44
C GLN B 360 16.13 -22.75 -5.31
N VAL B 361 17.03 -23.31 -4.53
CA VAL B 361 18.36 -22.73 -4.36
C VAL B 361 19.38 -23.48 -5.21
N ARG B 362 20.22 -22.73 -5.90
CA ARG B 362 21.32 -23.32 -6.65
C ARG B 362 22.60 -22.57 -6.33
N GLY B 363 23.72 -23.30 -6.40
CA GLY B 363 24.97 -22.73 -6.01
C GLY B 363 26.14 -23.35 -6.73
N SER B 364 27.32 -23.18 -6.12
CA SER B 364 28.55 -23.57 -6.76
C SER B 364 29.70 -23.55 -5.78
N LEU B 365 30.82 -24.08 -6.21
CA LEU B 365 32.02 -24.00 -5.44
C LEU B 365 33.13 -23.60 -6.41
N GLY B 366 33.02 -22.38 -6.90
CA GLY B 366 33.99 -21.85 -7.83
C GLY B 366 34.84 -20.79 -7.16
N VAL B 367 35.32 -19.84 -7.93
CA VAL B 367 36.38 -18.96 -7.48
C VAL B 367 35.88 -17.94 -6.46
N SER B 368 34.60 -17.64 -6.50
CA SER B 368 33.98 -16.80 -5.47
C SER B 368 32.49 -17.15 -5.37
N ASN B 369 31.79 -16.54 -4.42
CA ASN B 369 30.41 -16.90 -4.15
C ASN B 369 29.45 -16.71 -5.34
N LYS B 370 28.63 -17.73 -5.58
CA LYS B 370 27.50 -17.56 -6.47
C LYS B 370 26.35 -18.50 -6.09
N VAL B 371 25.24 -17.89 -5.67
CA VAL B 371 24.02 -18.59 -5.30
C VAL B 371 22.83 -17.99 -6.05
N ALA B 372 21.91 -18.84 -6.52
CA ALA B 372 20.72 -18.36 -7.21
C ALA B 372 19.44 -18.79 -6.48
N TYR B 373 18.48 -17.87 -6.38
CA TYR B 373 17.20 -18.25 -5.81
C TYR B 373 16.12 -18.12 -6.89
N SER B 374 15.41 -19.22 -7.11
CA SER B 374 14.43 -19.33 -8.17
C SER B 374 13.06 -19.66 -7.63
N VAL B 375 12.02 -19.23 -8.35
CA VAL B 375 10.66 -19.73 -8.14
C VAL B 375 10.23 -20.38 -9.45
N GLN B 376 10.57 -21.65 -9.61
CA GLN B 376 10.40 -22.32 -10.89
C GLN B 376 8.94 -22.38 -11.34
N ASP B 377 8.02 -22.24 -10.40
CA ASP B 377 6.61 -22.37 -10.76
C ASP B 377 6.07 -21.07 -11.37
N TYR B 378 6.87 -20.00 -11.28
CA TYR B 378 6.43 -18.71 -11.77
C TYR B 378 6.25 -18.71 -13.30
N ASN B 379 5.04 -18.38 -13.74
CA ASN B 379 4.71 -18.33 -15.17
C ASN B 379 4.82 -19.67 -15.89
N ALA B 380 4.85 -20.77 -15.15
CA ALA B 380 4.93 -22.10 -15.78
C ALA B 380 3.56 -22.56 -16.24
N ASP B 381 3.50 -23.05 -17.46
CA ASP B 381 2.28 -23.70 -17.92
C ASP B 381 2.09 -24.97 -17.08
N SER B 382 0.85 -25.34 -16.77
CA SER B 382 0.59 -26.51 -15.92
C SER B 382 1.20 -27.80 -16.45
N ALA B 383 1.27 -27.93 -17.76
CA ALA B 383 1.79 -29.17 -18.35
C ALA B 383 3.30 -29.21 -18.35
N LEU B 384 3.93 -28.13 -17.89
CA LEU B 384 5.39 -28.05 -17.93
C LEU B 384 6.05 -28.80 -16.78
N SER B 385 6.92 -29.74 -17.12
CA SER B 385 7.65 -30.52 -16.13
C SER B 385 8.51 -29.70 -15.15
N GLY B 386 8.76 -30.28 -13.98
CA GLY B 386 9.60 -29.67 -12.98
C GLY B 386 11.00 -29.39 -13.50
N GLY B 387 11.54 -30.33 -14.27
CA GLY B 387 12.87 -30.17 -14.84
C GLY B 387 12.89 -28.94 -15.74
N ASN B 388 11.92 -28.85 -16.64
CA ASN B 388 11.83 -27.73 -17.56
C ASN B 388 11.62 -26.41 -16.82
N ARG B 389 10.79 -26.43 -15.78
CA ARG B 389 10.52 -25.24 -15.00
C ARG B 389 11.81 -24.72 -14.37
N LEU B 390 12.56 -25.63 -13.78
CA LEU B 390 13.78 -25.23 -13.11
C LEU B 390 14.73 -24.63 -14.14
N THR B 391 14.86 -25.32 -15.28
CA THR B 391 15.77 -24.88 -16.33
C THR B 391 15.42 -23.46 -16.76
N ALA B 392 14.16 -23.23 -17.07
CA ALA B 392 13.72 -21.96 -17.62
C ALA B 392 13.71 -20.84 -16.59
N SER B 393 13.89 -21.17 -15.32
CA SER B 393 13.67 -20.18 -14.28
C SER B 393 14.85 -19.25 -14.06
N LEU B 394 16.01 -19.58 -14.62
CA LEU B 394 17.23 -18.84 -14.27
C LEU B 394 17.19 -17.35 -14.61
N ASP B 395 16.58 -16.99 -15.72
CA ASP B 395 16.55 -15.59 -16.12
C ASP B 395 15.51 -14.78 -15.32
N SER B 396 14.81 -15.45 -14.41
CA SER B 396 13.91 -14.78 -13.49
C SER B 396 14.31 -15.07 -12.05
N SER B 397 15.62 -15.14 -11.79
CA SER B 397 16.05 -15.61 -10.47
C SER B 397 16.82 -14.53 -9.74
N LEU B 398 16.83 -14.62 -8.42
CA LEU B 398 17.76 -13.82 -7.65
C LEU B 398 19.16 -14.37 -7.88
N ILE B 399 20.02 -13.61 -8.55
CA ILE B 399 21.40 -14.06 -8.70
C ILE B 399 22.30 -13.38 -7.69
N ASN B 400 22.59 -14.08 -6.60
CA ASN B 400 23.50 -13.54 -5.59
C ASN B 400 24.96 -13.84 -5.94
N ASN B 401 25.58 -12.94 -6.70
CA ASN B 401 26.96 -13.16 -7.11
C ASN B 401 27.96 -12.19 -6.52
N ASN B 402 27.59 -11.54 -5.41
CA ASN B 402 28.58 -10.87 -4.56
C ASN B 402 29.68 -11.86 -4.22
N PRO B 403 30.93 -11.45 -4.42
CA PRO B 403 31.99 -12.44 -4.18
C PRO B 403 32.08 -12.93 -2.73
N ASN B 404 31.66 -12.13 -1.75
CA ASN B 404 31.80 -12.48 -0.33
C ASN B 404 33.27 -12.75 0.06
N ASP B 405 34.19 -12.03 -0.58
CA ASP B 405 35.63 -12.22 -0.38
C ASP B 405 36.07 -11.82 1.01
N ILE B 406 37.13 -12.47 1.47
CA ILE B 406 37.76 -12.16 2.74
C ILE B 406 39.24 -11.90 2.47
N ALA B 407 39.83 -10.94 3.16
CA ALA B 407 41.21 -10.54 2.84
C ALA B 407 42.15 -11.72 2.95
N ILE B 408 43.16 -11.74 2.07
CA ILE B 408 44.21 -12.75 2.12
C ILE B 408 45.52 -12.10 2.48
N LEU B 409 46.33 -12.79 3.28
CA LEU B 409 47.56 -12.18 3.76
C LEU B 409 48.74 -12.44 2.81
N ASN B 410 48.93 -11.52 1.88
CA ASN B 410 49.92 -11.62 0.80
C ASN B 410 51.06 -10.64 1.03
N THR B 494 43.14 -1.98 -2.71
CA THR B 494 42.66 -3.32 -3.03
C THR B 494 41.17 -3.52 -2.64
N LYS B 495 40.28 -3.06 -3.52
CA LYS B 495 38.83 -3.25 -3.39
C LYS B 495 38.41 -4.70 -3.71
N MET B 496 37.31 -5.15 -3.11
CA MET B 496 36.92 -6.56 -3.17
C MET B 496 35.42 -6.82 -3.40
N GLY B 497 34.72 -5.82 -3.94
CA GLY B 497 33.38 -6.03 -4.47
C GLY B 497 32.21 -5.93 -3.50
N GLY B 498 32.50 -5.82 -2.21
CA GLY B 498 31.43 -5.71 -1.25
C GLY B 498 31.84 -5.94 0.20
N ASN B 499 31.12 -5.30 1.12
CA ASN B 499 31.46 -5.37 2.53
C ASN B 499 30.74 -6.52 3.19
N THR B 500 31.46 -7.64 3.30
CA THR B 500 30.90 -8.88 3.78
C THR B 500 30.62 -8.82 5.28
N ALA B 501 31.48 -8.14 6.02
CA ALA B 501 31.30 -8.02 7.45
C ALA B 501 29.99 -7.29 7.74
N PHE B 502 29.67 -6.26 6.97
CA PHE B 502 28.45 -5.50 7.25
C PHE B 502 27.25 -6.42 7.11
N ASP B 503 27.21 -7.23 6.04
CA ASP B 503 26.09 -8.13 5.82
C ASP B 503 25.97 -9.21 6.88
N TYR B 504 27.05 -9.97 7.07
CA TYR B 504 26.97 -11.08 8.02
C TYR B 504 26.76 -10.57 9.43
N GLY B 505 27.52 -9.54 9.82
CA GLY B 505 27.43 -8.98 11.16
C GLY B 505 26.06 -8.45 11.51
N ASN B 506 25.30 -8.02 10.50
CA ASN B 506 23.98 -7.49 10.75
C ASN B 506 22.89 -8.52 10.43
N GLY B 507 23.33 -9.75 10.13
CA GLY B 507 22.41 -10.87 10.04
C GLY B 507 21.73 -11.11 8.70
N TYR B 508 22.28 -10.55 7.61
CA TYR B 508 21.69 -10.73 6.28
C TYR B 508 22.32 -11.87 5.51
N ARG B 509 21.57 -12.97 5.43
CA ARG B 509 21.99 -14.17 4.71
C ARG B 509 20.75 -14.79 4.11
N GLY B 510 20.95 -15.60 3.07
CA GLY B 510 19.85 -16.36 2.53
C GLY B 510 18.87 -15.51 1.78
N VAL B 511 17.63 -15.93 1.73
CA VAL B 511 16.66 -15.27 0.87
C VAL B 511 15.51 -14.74 1.71
N TYR B 512 14.93 -13.62 1.29
CA TYR B 512 13.82 -13.01 2.02
C TYR B 512 12.60 -12.91 1.12
N VAL B 513 11.44 -13.24 1.67
CA VAL B 513 10.18 -13.06 0.97
C VAL B 513 9.44 -11.92 1.66
N ILE B 514 9.27 -10.80 0.94
CA ILE B 514 8.60 -9.62 1.46
C ILE B 514 7.23 -9.48 0.81
N LYS B 515 6.16 -9.52 1.58
CA LYS B 515 4.85 -9.44 0.96
C LYS B 515 4.26 -8.06 1.17
N LYS B 516 3.74 -7.49 0.08
CA LYS B 516 3.30 -6.10 0.05
C LYS B 516 1.85 -5.94 -0.42
N GLN B 517 1.11 -5.02 0.20
CA GLN B 517 -0.22 -4.69 -0.32
C GLN B 517 -0.55 -3.22 -0.23
N LEU B 518 -1.56 -2.81 -0.99
CA LEU B 518 -1.91 -1.40 -1.04
C LEU B 518 -2.44 -0.92 0.32
N LYS B 519 -2.33 0.39 0.56
CA LYS B 519 -2.72 1.03 1.81
C LYS B 519 -4.24 0.97 2.05
N ALA B 520 -4.62 1.08 3.31
CA ALA B 520 -6.02 1.08 3.71
C ALA B 520 -6.91 2.02 2.88
N GLU B 521 -6.42 3.24 2.62
CA GLU B 521 -7.17 4.27 1.88
C GLU B 521 -7.58 3.77 0.50
N TYR B 522 -6.68 3.10 -0.21
CA TYR B 522 -6.97 2.65 -1.55
C TYR B 522 -7.71 1.32 -1.58
N ARG B 523 -7.51 0.50 -0.56
CA ARG B 523 -8.29 -0.72 -0.42
C ARG B 523 -9.77 -0.38 -0.27
N ARG B 524 -10.07 0.52 0.67
CA ARG B 524 -11.44 1.01 0.87
C ARG B 524 -12.05 1.53 -0.43
N SER B 525 -11.30 2.43 -1.06
CA SER B 525 -11.66 3.03 -2.33
C SER B 525 -12.03 1.97 -3.40
N LEU B 526 -11.09 1.09 -3.74
CA LEU B 526 -11.32 0.10 -4.80
C LEU B 526 -12.35 -0.97 -4.42
N SER B 527 -12.30 -1.42 -3.18
CA SER B 527 -13.21 -2.45 -2.72
C SER B 527 -14.65 -2.00 -2.83
N SER B 528 -14.91 -0.74 -2.45
CA SER B 528 -16.27 -0.21 -2.51
C SER B 528 -16.72 -0.07 -3.96
N PHE B 529 -15.79 0.28 -4.85
CA PHE B 529 -16.14 0.39 -6.27
C PHE B 529 -16.48 -0.99 -6.86
N PHE B 530 -15.65 -1.98 -6.59
CA PHE B 530 -15.89 -3.36 -7.04
C PHE B 530 -17.16 -3.97 -6.48
N HIS B 531 -17.43 -3.65 -5.21
CA HIS B 531 -18.61 -4.19 -4.55
C HIS B 531 -19.86 -3.76 -5.30
N LYS B 532 -19.93 -2.49 -5.68
CA LYS B 532 -21.09 -1.98 -6.38
C LYS B 532 -21.08 -2.26 -7.90
N TYR B 533 -19.92 -2.25 -8.56
CA TYR B 533 -19.92 -2.31 -10.02
C TYR B 533 -19.19 -3.54 -10.63
N GLY B 534 -18.89 -4.54 -9.81
CA GLY B 534 -18.13 -5.70 -10.27
C GLY B 534 -16.77 -5.36 -10.89
N TYR B 535 -16.28 -6.23 -11.77
CA TYR B 535 -14.98 -6.05 -12.42
C TYR B 535 -15.09 -5.69 -13.90
N LYS B 536 -14.06 -5.02 -14.42
CA LYS B 536 -13.88 -4.87 -15.86
C LYS B 536 -13.67 -6.26 -16.45
N ILE B 537 -14.40 -6.62 -17.51
CA ILE B 537 -14.37 -7.97 -18.07
C ILE B 537 -13.76 -8.01 -19.48
N ASN B 538 -14.24 -7.13 -20.37
CA ASN B 538 -13.78 -7.08 -21.75
C ASN B 538 -13.78 -8.44 -22.45
N ARG B 539 -14.88 -9.17 -22.29
CA ARG B 539 -15.10 -10.45 -22.95
C ARG B 539 -16.39 -10.40 -23.72
N VAL B 540 -16.43 -11.07 -24.87
CA VAL B 540 -17.70 -11.35 -25.53
C VAL B 540 -18.22 -12.69 -25.01
N LYS B 541 -19.29 -12.62 -24.20
CA LYS B 541 -19.89 -13.81 -23.57
C LYS B 541 -21.33 -13.50 -23.18
N LYS B 542 -22.05 -14.47 -22.65
CA LYS B 542 -23.36 -14.19 -22.05
C LYS B 542 -23.14 -13.60 -20.67
N PRO B 543 -23.94 -12.59 -20.31
CA PRO B 543 -23.76 -11.82 -19.06
C PRO B 543 -24.18 -12.58 -17.82
N ASN B 544 -23.58 -12.25 -16.67
CA ASN B 544 -24.04 -12.80 -15.40
C ASN B 544 -25.25 -11.97 -14.87
N LEU B 545 -26.44 -12.53 -14.99
CA LEU B 545 -27.66 -11.81 -14.59
C LEU B 545 -28.08 -12.10 -13.13
N ARG B 546 -27.96 -13.35 -12.68
CA ARG B 546 -28.37 -13.70 -11.33
C ARG B 546 -27.40 -14.65 -10.64
N THR B 547 -26.15 -14.23 -10.54
CA THR B 547 -25.14 -15.06 -9.89
C THR B 547 -24.85 -14.67 -8.44
N ARG B 548 -25.27 -13.47 -8.03
CA ARG B 548 -25.04 -13.01 -6.67
C ARG B 548 -26.35 -13.02 -5.89
N LYS B 549 -26.26 -13.12 -4.57
CA LYS B 549 -27.43 -13.28 -3.70
C LYS B 549 -28.28 -12.00 -3.67
N ALA B 550 -27.65 -10.83 -3.75
CA ALA B 550 -28.39 -9.57 -3.58
C ALA B 550 -28.53 -8.76 -4.88
N PHE B 551 -27.44 -8.61 -5.63
CA PHE B 551 -27.53 -7.82 -6.86
C PHE B 551 -26.45 -8.13 -7.87
N ASN B 552 -26.75 -7.83 -9.13
CA ASN B 552 -25.81 -8.01 -10.24
C ASN B 552 -25.73 -6.75 -11.05
N TYR B 553 -24.54 -6.19 -11.18
CA TYR B 553 -24.39 -5.05 -12.08
C TYR B 553 -24.02 -5.59 -13.43
N VAL B 554 -24.58 -4.99 -14.48
CA VAL B 554 -24.33 -5.46 -15.84
C VAL B 554 -24.20 -4.30 -16.80
N GLN B 555 -23.06 -4.23 -17.49
CA GLN B 555 -22.91 -3.20 -18.50
C GLN B 555 -22.31 -3.81 -19.76
N THR B 556 -23.03 -3.67 -20.86
CA THR B 556 -22.55 -4.23 -22.10
C THR B 556 -22.23 -3.14 -23.11
N LYS B 557 -21.66 -3.57 -24.24
CA LYS B 557 -21.46 -2.70 -25.38
C LYS B 557 -21.93 -3.46 -26.62
N ASP B 558 -22.80 -2.85 -27.43
CA ASP B 558 -23.32 -3.52 -28.63
C ASP B 558 -23.90 -4.91 -28.31
N CYS B 559 -24.72 -5.02 -27.27
CA CYS B 559 -25.19 -6.34 -26.86
C CYS B 559 -26.17 -6.95 -27.87
N PHE B 560 -26.21 -8.27 -27.90
CA PHE B 560 -27.16 -8.97 -28.73
C PHE B 560 -28.26 -9.58 -27.84
N ILE B 561 -29.50 -9.19 -28.09
CA ILE B 561 -30.65 -9.74 -27.39
C ILE B 561 -31.78 -10.03 -28.35
N SER B 562 -32.26 -11.27 -28.36
CA SER B 562 -33.38 -11.62 -29.23
C SER B 562 -34.64 -11.95 -28.42
N GLY B 563 -35.73 -12.26 -29.12
CA GLY B 563 -36.97 -12.67 -28.50
C GLY B 563 -38.21 -12.33 -29.32
N ASP B 564 -39.37 -12.86 -28.91
CA ASP B 564 -40.65 -12.46 -29.49
C ASP B 564 -41.10 -11.14 -28.89
N ILE B 565 -40.65 -10.06 -29.49
CA ILE B 565 -40.88 -8.73 -28.96
C ILE B 565 -40.86 -7.81 -30.15
N ASN B 566 -41.71 -6.80 -30.17
CA ASN B 566 -41.60 -5.83 -31.25
C ASN B 566 -40.17 -5.30 -31.14
N ASN B 567 -39.57 -5.01 -32.29
CA ASN B 567 -38.16 -4.66 -32.28
C ASN B 567 -37.93 -3.37 -31.53
N ASN B 568 -38.95 -2.51 -31.47
CA ASN B 568 -38.84 -1.27 -30.74
C ASN B 568 -38.52 -1.50 -29.26
N ASP B 569 -39.23 -2.42 -28.63
CA ASP B 569 -39.01 -2.73 -27.22
C ASP B 569 -37.71 -3.47 -27.04
N LEU B 570 -37.42 -4.34 -28.00
CA LEU B 570 -36.18 -5.07 -27.99
C LEU B 570 -34.98 -4.10 -28.08
N GLN B 571 -35.09 -3.08 -28.94
CA GLN B 571 -34.02 -2.07 -29.08
C GLN B 571 -33.85 -1.29 -27.77
N GLU B 572 -34.97 -1.00 -27.12
CA GLU B 572 -34.93 -0.27 -25.86
C GLU B 572 -34.18 -1.10 -24.82
N ILE B 573 -34.48 -2.40 -24.77
CA ILE B 573 -33.83 -3.29 -23.82
C ILE B 573 -32.33 -3.41 -24.06
N ARG B 574 -31.90 -3.54 -25.32
CA ARG B 574 -30.46 -3.55 -25.61
C ARG B 574 -29.77 -2.29 -25.09
N THR B 575 -30.40 -1.16 -25.35
CA THR B 575 -29.94 0.13 -24.88
C THR B 575 -29.79 0.16 -23.37
N ILE B 576 -30.76 -0.43 -22.68
CA ILE B 576 -30.72 -0.44 -21.23
C ILE B 576 -29.47 -1.20 -20.74
N PHE B 577 -29.16 -2.35 -21.34
CA PHE B 577 -27.97 -3.06 -20.90
C PHE B 577 -26.66 -2.42 -21.40
N ASP B 578 -26.72 -1.73 -22.54
CA ASP B 578 -25.54 -1.05 -23.04
C ASP B 578 -25.16 0.16 -22.17
N ASN B 579 -26.17 0.73 -21.50
CA ASN B 579 -25.96 1.84 -20.57
C ASN B 579 -25.60 1.40 -19.16
N GLY B 580 -25.78 0.11 -18.89
CA GLY B 580 -25.49 -0.42 -17.58
C GLY B 580 -26.71 -0.38 -16.68
N ILE B 581 -26.95 -1.47 -15.97
CA ILE B 581 -28.08 -1.58 -15.07
C ILE B 581 -27.77 -2.53 -13.93
N THR B 582 -28.38 -2.27 -12.77
CA THR B 582 -28.22 -3.14 -11.61
C THR B 582 -29.47 -3.99 -11.42
N LEU B 583 -29.28 -5.32 -11.41
CA LEU B 583 -30.38 -6.25 -11.20
C LEU B 583 -30.41 -6.73 -9.76
N TRP B 584 -31.50 -6.40 -9.07
CA TRP B 584 -31.65 -6.72 -7.65
C TRP B 584 -32.37 -8.06 -7.45
N HIS B 585 -31.93 -8.82 -6.45
CA HIS B 585 -32.52 -10.12 -6.17
C HIS B 585 -33.16 -10.20 -4.79
N THR B 586 -33.33 -9.05 -4.14
CA THR B 586 -34.03 -8.97 -2.87
C THR B 586 -34.90 -7.73 -2.83
N ASP B 587 -35.76 -7.64 -1.82
CA ASP B 587 -36.68 -6.53 -1.70
C ASP B 587 -35.98 -5.27 -1.19
N ASN B 588 -34.80 -5.44 -0.58
CA ASN B 588 -34.09 -4.30 -0.06
C ASN B 588 -33.26 -3.60 -1.14
N ILE B 589 -33.96 -2.99 -2.09
CA ILE B 589 -33.31 -2.37 -3.25
C ILE B 589 -32.56 -1.10 -2.88
N GLY B 590 -31.27 -1.09 -3.17
CA GLY B 590 -30.43 0.06 -2.93
C GLY B 590 -29.54 -0.09 -1.71
N ASN B 591 -29.78 -1.12 -0.92
CA ASN B 591 -28.93 -1.35 0.25
C ASN B 591 -27.64 -2.11 -0.10
N TYR B 592 -26.54 -1.37 -0.19
CA TYR B 592 -25.28 -1.94 -0.64
C TYR B 592 -24.40 -2.49 0.50
N SER B 593 -24.84 -2.36 1.75
CA SER B 593 -24.11 -2.91 2.90
C SER B 593 -23.97 -4.43 2.92
N VAL B 594 -24.88 -5.12 2.25
CA VAL B 594 -24.94 -6.59 2.29
C VAL B 594 -23.71 -7.22 1.64
N GLU B 595 -23.43 -8.48 1.96
CA GLU B 595 -22.23 -9.13 1.45
C GLU B 595 -22.27 -9.35 -0.07
N ASN B 596 -23.45 -9.72 -0.57
CA ASN B 596 -23.68 -9.99 -1.99
C ASN B 596 -22.78 -11.10 -2.51
N GLU B 597 -22.71 -12.17 -1.74
CA GLU B 597 -21.90 -13.34 -2.09
C GLU B 597 -22.52 -14.13 -3.25
N LEU B 598 -21.77 -15.09 -3.75
CA LEU B 598 -22.18 -15.95 -4.86
C LEU B 598 -23.41 -16.81 -4.59
N ARG B 599 -24.00 -17.33 -5.68
CA ARG B 599 -25.19 -18.19 -5.68
C ARG B 599 -26.47 -17.40 -5.43
C1 PEG C . -18.90 4.74 -12.03
O1 PEG C . -20.03 4.65 -12.94
C2 PEG C . -18.30 6.16 -11.93
O2 PEG C . -16.92 6.19 -11.51
C3 PEG C . -16.06 5.69 -12.54
C4 PEG C . -14.59 6.03 -12.32
O4 PEG C . -13.76 5.09 -13.04
H11 PEG C . -18.12 4.05 -12.35
H12 PEG C . -19.23 4.43 -11.04
HO1 PEG C . -20.72 5.24 -12.64
H21 PEG C . -18.90 6.74 -11.23
H22 PEG C . -18.39 6.64 -12.91
H31 PEG C . -16.37 6.10 -13.50
H32 PEG C . -16.16 4.60 -12.61
H41 PEG C . -14.36 5.97 -11.25
H42 PEG C . -14.38 7.04 -12.65
HO4 PEG C . -13.97 5.15 -13.99
C1 PEG D . -15.53 22.73 -9.67
O1 PEG D . -15.24 21.68 -8.69
C2 PEG D . -14.62 23.98 -9.51
O2 PEG D . -14.14 24.48 -10.76
C3 PEG D . -12.72 24.83 -10.84
C4 PEG D . -11.77 23.61 -10.90
O4 PEG D . -10.43 23.95 -11.31
H11 PEG D . -16.58 23.04 -9.55
H12 PEG D . -15.41 22.33 -10.67
HO1 PEG D . -15.84 20.94 -8.84
H21 PEG D . -13.77 23.72 -8.88
H22 PEG D . -15.19 24.76 -9.00
H31 PEG D . -12.45 25.44 -9.97
H32 PEG D . -12.55 25.45 -11.74
H41 PEG D . -12.19 22.88 -11.61
H42 PEG D . -11.74 23.14 -9.92
HO4 PEG D . -9.89 23.15 -11.34
#